data_3ES5
#
_entry.id   3ES5
#
_cell.length_a   459.266
_cell.length_b   459.266
_cell.length_c   459.266
_cell.angle_alpha   90.00
_cell.angle_beta   90.00
_cell.angle_gamma   90.00
#
_symmetry.space_group_name_H-M   'F 2 3'
#
_entity_poly.entity_id   1
_entity_poly.type   'polypeptide(L)'
_entity_poly.pdbx_seq_one_letter_code
;MSFETSEGMSRPGDNPNKLNAKPRQSARPKTRNSTAQSNQTMRLGWIDPLPQVDTIFPLGLEPNVESIPAGEVELDFNLP
ETIAKPFADTVTSVGDRIQLVDDDKENIATSIYGLSFFKAARQLYSTMLDHEKAVNQPLKAVYYDETPIPAHMSGALGII
GHMKTKVGDVLVKDAGVLFKRGTAAGVTKFSEIDNDKTWNLDCSKLVWADHSSLSMIKRLASEKISQLVKQRYRVTDAQG
HVYSVSMPQLTDQALPDYYDSIPDVAPNSDQLRVLTAALQMSLAQFRNDELPHDEDRSDLLTTLDLLYADGAYEISALRD
QFELLMARYTTDFKWRVESIFKVGPPPAGTTGYGAQTVSSTGNTARWQFPLSDADINIGYLFSPSKSFSLFPKMVGYSKR
AREDASASFANSDAKKFYAD
;
_entity_poly.pdbx_strand_id   A,B
#
# COMPACT_ATOMS: atom_id res chain seq x y z
N MET A 42 18.41 10.08 13.27
CA MET A 42 18.64 10.10 11.79
C MET A 42 17.44 9.46 11.09
N ARG A 43 16.76 8.56 11.80
CA ARG A 43 15.59 7.83 11.29
C ARG A 43 14.34 8.70 11.10
N LEU A 44 13.64 8.46 9.98
CA LEU A 44 12.41 9.20 9.62
C LEU A 44 11.51 9.52 10.83
N GLY A 45 11.47 10.80 11.21
CA GLY A 45 10.63 11.24 12.33
C GLY A 45 9.17 11.28 11.95
N TRP A 46 8.71 10.17 11.37
CA TRP A 46 7.35 10.01 10.92
C TRP A 46 6.31 9.96 12.06
N ILE A 47 6.69 9.37 13.20
CA ILE A 47 5.79 9.28 14.35
C ILE A 47 6.54 9.50 15.67
N ASP A 48 5.81 9.88 16.71
CA ASP A 48 6.43 10.10 18.01
C ASP A 48 7.00 8.83 18.62
N PRO A 49 8.25 8.92 19.12
CA PRO A 49 8.94 7.79 19.73
C PRO A 49 8.43 7.40 21.12
N LEU A 50 8.56 6.13 21.45
CA LEU A 50 8.11 5.64 22.73
C LEU A 50 9.13 5.92 23.84
N PRO A 51 8.68 6.49 24.96
CA PRO A 51 9.57 6.79 26.11
C PRO A 51 9.70 5.51 26.98
N GLN A 52 10.90 4.92 27.09
CA GLN A 52 11.04 3.66 27.83
C GLN A 52 12.32 3.38 28.66
N VAL A 53 12.17 2.50 29.67
CA VAL A 53 13.27 2.03 30.57
C VAL A 53 14.13 0.99 29.81
N ASP A 54 15.45 1.17 29.86
CA ASP A 54 16.42 0.33 29.15
C ASP A 54 16.80 -1.09 29.63
N THR A 55 16.02 -1.71 30.49
CA THR A 55 16.33 -3.06 30.96
C THR A 55 16.44 -3.91 29.69
N ILE A 56 15.51 -3.64 28.77
CA ILE A 56 15.38 -4.29 27.46
C ILE A 56 16.55 -4.01 26.48
N PHE A 57 16.84 -2.72 26.30
CA PHE A 57 17.88 -2.19 25.38
C PHE A 57 19.10 -3.04 24.91
N PRO A 58 19.65 -3.92 25.77
CA PRO A 58 20.80 -4.68 25.27
C PRO A 58 20.36 -5.90 24.45
N LEU A 59 19.65 -5.69 23.34
CA LEU A 59 19.18 -6.80 22.51
C LEU A 59 19.89 -6.98 21.17
N GLY A 60 20.19 -5.88 20.50
CA GLY A 60 20.86 -5.98 19.22
C GLY A 60 19.97 -5.70 18.01
N LEU A 61 18.65 -5.71 18.19
CA LEU A 61 17.72 -5.44 17.09
C LEU A 61 18.10 -4.20 16.29
N GLU A 62 18.80 -4.40 15.20
CA GLU A 62 19.23 -3.30 14.34
C GLU A 62 18.40 -3.42 13.09
N PRO A 63 18.03 -2.29 12.48
CA PRO A 63 17.21 -2.39 11.27
C PRO A 63 17.99 -2.78 10.02
N ASN A 64 17.46 -3.75 9.27
CA ASN A 64 18.07 -4.23 8.03
C ASN A 64 17.01 -4.18 6.96
N VAL A 65 17.38 -3.74 5.76
CA VAL A 65 16.44 -3.66 4.63
C VAL A 65 16.15 -5.08 4.15
N GLU A 66 15.00 -5.62 4.56
CA GLU A 66 14.64 -6.97 4.18
C GLU A 66 14.29 -7.17 2.71
N SER A 67 13.62 -6.19 2.12
CA SER A 67 13.24 -6.31 0.72
C SER A 67 13.56 -5.06 -0.11
N ILE A 68 14.05 -5.28 -1.33
CA ILE A 68 14.45 -4.22 -2.25
C ILE A 68 13.57 -4.26 -3.50
N PRO A 69 13.15 -3.09 -4.01
CA PRO A 69 13.40 -1.74 -3.51
C PRO A 69 12.34 -1.35 -2.50
N ALA A 70 12.42 -0.13 -1.98
CA ALA A 70 11.45 0.31 -0.98
C ALA A 70 10.18 0.90 -1.58
N GLY A 71 10.26 1.34 -2.82
CA GLY A 71 9.09 1.94 -3.45
C GLY A 71 9.14 1.83 -4.95
N GLU A 72 8.20 2.48 -5.63
CA GLU A 72 8.14 2.38 -7.07
C GLU A 72 7.24 3.51 -7.61
N VAL A 73 7.69 4.19 -8.66
CA VAL A 73 6.91 5.25 -9.27
C VAL A 73 6.79 5.03 -10.75
N GLU A 74 5.56 5.14 -11.25
CA GLU A 74 5.32 4.96 -12.66
C GLU A 74 5.10 6.36 -13.24
N LEU A 75 5.94 6.75 -14.19
CA LEU A 75 5.83 8.07 -14.78
C LEU A 75 4.95 8.13 -16.01
N ASP A 76 4.27 9.26 -16.17
CA ASP A 76 3.42 9.48 -17.34
C ASP A 76 4.38 9.65 -18.51
N PHE A 77 4.26 8.77 -19.51
CA PHE A 77 5.13 8.81 -20.68
C PHE A 77 5.34 10.19 -21.32
N ASN A 78 4.28 10.98 -21.41
CA ASN A 78 4.37 12.31 -22.03
C ASN A 78 5.00 13.40 -21.21
N LEU A 79 5.47 13.06 -20.01
CA LEU A 79 6.08 14.06 -19.16
C LEU A 79 7.02 14.98 -19.94
N PRO A 80 7.85 14.42 -20.85
CA PRO A 80 8.77 15.28 -21.62
C PRO A 80 8.02 16.28 -22.48
N GLU A 81 6.90 15.84 -23.04
CA GLU A 81 6.07 16.67 -23.90
C GLU A 81 5.32 17.73 -23.09
N THR A 82 4.80 17.32 -21.94
CA THR A 82 4.08 18.21 -21.03
C THR A 82 4.95 19.41 -20.66
N ILE A 83 6.24 19.14 -20.51
CA ILE A 83 7.24 20.15 -20.16
C ILE A 83 7.67 20.98 -21.36
N ALA A 84 7.98 20.32 -22.48
CA ALA A 84 8.43 21.02 -23.68
C ALA A 84 7.38 22.01 -24.19
N LYS A 85 6.15 21.53 -24.27
CA LYS A 85 4.99 22.31 -24.73
C LYS A 85 5.02 23.83 -24.51
N PRO A 86 5.11 24.29 -23.25
CA PRO A 86 5.15 25.74 -22.97
C PRO A 86 6.25 26.48 -23.71
N PHE A 87 7.41 25.85 -23.79
CA PHE A 87 8.54 26.47 -24.48
C PHE A 87 8.32 26.44 -25.99
N ALA A 88 8.00 25.27 -26.53
CA ALA A 88 7.75 25.14 -27.96
C ALA A 88 6.79 26.25 -28.39
N ASP A 89 5.65 26.34 -27.71
CA ASP A 89 4.65 27.35 -28.04
C ASP A 89 5.22 28.76 -27.98
N THR A 90 5.87 29.09 -26.86
CA THR A 90 6.46 30.41 -26.67
C THR A 90 7.33 30.90 -27.82
N VAL A 91 7.75 29.98 -28.69
CA VAL A 91 8.60 30.34 -29.82
C VAL A 91 7.92 31.33 -30.76
N THR A 92 6.60 31.24 -30.89
CA THR A 92 5.88 32.16 -31.77
C THR A 92 6.20 33.60 -31.39
N SER A 93 6.44 33.84 -30.09
CA SER A 93 6.78 35.16 -29.59
C SER A 93 8.24 35.49 -29.89
N VAL A 94 9.13 35.04 -29.00
CA VAL A 94 10.57 35.29 -29.11
C VAL A 94 11.25 34.96 -30.43
N GLY A 95 10.63 34.09 -31.22
CA GLY A 95 11.22 33.74 -32.50
C GLY A 95 11.50 34.98 -33.33
N ASP A 96 10.76 36.05 -33.05
CA ASP A 96 10.89 37.30 -33.78
C ASP A 96 12.19 38.04 -33.50
N ARG A 97 12.77 37.81 -32.32
CA ARG A 97 14.03 38.47 -31.96
C ARG A 97 15.02 38.33 -33.12
N ILE A 98 14.94 37.22 -33.86
CA ILE A 98 15.83 37.01 -34.99
C ILE A 98 15.02 36.82 -36.27
N GLN A 99 13.79 37.32 -36.28
CA GLN A 99 12.92 37.23 -37.45
C GLN A 99 12.86 35.84 -38.06
N LEU A 100 12.25 34.87 -37.39
CA LEU A 100 12.17 33.56 -37.98
C LEU A 100 10.91 33.43 -38.80
N VAL A 101 11.02 32.88 -40.00
CA VAL A 101 9.85 32.70 -40.85
C VAL A 101 8.96 31.68 -40.15
N ASP A 102 7.68 31.63 -40.52
CA ASP A 102 6.77 30.69 -39.88
C ASP A 102 7.26 29.25 -39.93
N ASP A 103 7.74 28.84 -41.10
CA ASP A 103 8.23 27.47 -41.26
C ASP A 103 9.34 27.17 -40.29
N ASP A 104 10.33 28.04 -40.22
CA ASP A 104 11.45 27.84 -39.31
C ASP A 104 10.98 27.80 -37.86
N LYS A 105 10.04 28.67 -37.49
CA LYS A 105 9.54 28.68 -36.12
C LYS A 105 9.07 27.29 -35.73
N GLU A 106 8.37 26.61 -36.62
CA GLU A 106 7.90 25.25 -36.33
C GLU A 106 9.04 24.30 -36.07
N ASN A 107 9.98 24.23 -37.01
CA ASN A 107 11.12 23.33 -36.86
C ASN A 107 11.83 23.57 -35.51
N ILE A 108 12.03 24.84 -35.16
CA ILE A 108 12.67 25.17 -33.89
C ILE A 108 11.87 24.54 -32.74
N ALA A 109 10.56 24.76 -32.78
CA ALA A 109 9.66 24.23 -31.75
C ALA A 109 9.71 22.71 -31.74
N THR A 110 9.58 22.11 -32.92
CA THR A 110 9.63 20.65 -33.05
C THR A 110 10.89 20.14 -32.38
N SER A 111 11.99 20.86 -32.59
CA SER A 111 13.28 20.49 -32.00
C SER A 111 13.20 20.51 -30.49
N ILE A 112 12.57 21.53 -29.95
CA ILE A 112 12.42 21.66 -28.51
C ILE A 112 11.65 20.48 -27.94
N TYR A 113 10.71 19.91 -28.70
CA TYR A 113 9.99 18.75 -28.23
C TYR A 113 10.97 17.58 -28.21
N GLY A 114 11.53 17.27 -29.36
CA GLY A 114 12.48 16.17 -29.44
C GLY A 114 13.63 16.31 -28.45
N LEU A 115 14.16 17.53 -28.37
CA LEU A 115 15.27 17.81 -27.47
C LEU A 115 14.84 17.46 -26.04
N SER A 116 13.60 17.80 -25.70
CA SER A 116 13.10 17.52 -24.36
C SER A 116 13.19 16.03 -24.09
N PHE A 117 12.69 15.22 -25.02
CA PHE A 117 12.74 13.77 -24.87
C PHE A 117 14.16 13.28 -24.64
N PHE A 118 15.06 13.63 -25.56
CA PHE A 118 16.45 13.22 -25.45
C PHE A 118 17.09 13.58 -24.09
N LYS A 119 16.80 14.79 -23.60
CA LYS A 119 17.37 15.23 -22.34
C LYS A 119 16.73 14.61 -21.12
N ALA A 120 15.48 14.20 -21.27
CA ALA A 120 14.77 13.55 -20.18
C ALA A 120 15.38 12.15 -20.08
N ALA A 121 15.71 11.57 -21.22
CA ALA A 121 16.32 10.23 -21.26
C ALA A 121 17.66 10.28 -20.55
N ARG A 122 18.45 11.29 -20.91
CA ARG A 122 19.76 11.51 -20.33
C ARG A 122 19.59 11.48 -18.80
N GLN A 123 18.67 12.30 -18.29
CA GLN A 123 18.44 12.36 -16.85
C GLN A 123 18.11 11.00 -16.26
N LEU A 124 17.06 10.37 -16.77
CA LEU A 124 16.65 9.06 -16.26
C LEU A 124 17.85 8.12 -16.22
N TYR A 125 18.57 8.03 -17.35
CA TYR A 125 19.72 7.15 -17.44
C TYR A 125 20.75 7.50 -16.37
N SER A 126 20.92 8.78 -16.12
CA SER A 126 21.88 9.24 -15.13
C SER A 126 21.59 8.73 -13.72
N THR A 127 20.32 8.42 -13.46
CA THR A 127 19.91 7.95 -12.14
C THR A 127 19.71 6.45 -12.02
N MET A 128 19.82 5.73 -13.13
CA MET A 128 19.60 4.29 -13.14
C MET A 128 20.55 3.47 -12.30
N LEU A 129 20.11 2.29 -11.87
CA LEU A 129 20.96 1.40 -11.09
C LEU A 129 22.06 0.96 -12.03
N ASP A 130 23.22 0.65 -11.48
CA ASP A 130 24.34 0.27 -12.30
C ASP A 130 24.11 -0.81 -13.35
N HIS A 131 23.21 -1.75 -13.08
CA HIS A 131 22.95 -2.80 -14.05
C HIS A 131 22.24 -2.22 -15.27
N GLU A 132 21.27 -1.34 -15.04
CA GLU A 132 20.52 -0.71 -16.12
C GLU A 132 21.41 0.17 -16.99
N LYS A 133 22.29 0.96 -16.37
CA LYS A 133 23.19 1.81 -17.13
C LYS A 133 24.00 0.89 -18.02
N ALA A 134 24.37 -0.26 -17.44
CA ALA A 134 25.16 -1.28 -18.12
C ALA A 134 24.48 -1.81 -19.36
N VAL A 135 23.35 -2.51 -19.19
CA VAL A 135 22.63 -3.08 -20.31
C VAL A 135 22.31 -2.05 -21.38
N ASN A 136 22.01 -0.82 -20.96
CA ASN A 136 21.68 0.24 -21.91
C ASN A 136 22.90 0.94 -22.52
N GLN A 137 24.08 0.36 -22.32
CA GLN A 137 25.31 0.93 -22.83
C GLN A 137 25.25 1.39 -24.29
N PRO A 138 24.61 0.61 -25.18
CA PRO A 138 24.50 0.97 -26.60
C PRO A 138 24.01 2.40 -26.93
N LEU A 139 23.09 2.92 -26.11
CA LEU A 139 22.55 4.25 -26.36
C LEU A 139 23.13 5.28 -25.41
N LYS A 140 24.29 5.00 -24.85
CA LYS A 140 24.85 5.95 -23.90
C LYS A 140 25.18 7.32 -24.49
N ALA A 141 25.19 7.44 -25.82
CA ALA A 141 25.47 8.75 -26.41
C ALA A 141 24.36 9.70 -25.97
N VAL A 142 23.15 9.16 -25.79
CA VAL A 142 22.02 9.97 -25.38
C VAL A 142 22.32 10.60 -24.01
N TYR A 143 23.03 9.84 -23.18
CA TYR A 143 23.41 10.31 -21.85
C TYR A 143 24.57 11.29 -21.92
N TYR A 144 25.55 10.98 -22.77
CA TYR A 144 26.73 11.80 -22.94
C TYR A 144 26.49 13.22 -23.48
N ASP A 145 25.66 13.34 -24.52
CA ASP A 145 25.38 14.62 -25.15
C ASP A 145 24.91 15.68 -24.16
N GLU A 146 25.51 16.87 -24.23
CA GLU A 146 25.17 17.96 -23.32
C GLU A 146 24.57 19.20 -23.96
N THR A 147 23.86 19.05 -25.08
CA THR A 147 23.27 20.18 -25.75
C THR A 147 22.41 20.99 -24.79
N PRO A 148 22.65 22.30 -24.70
CA PRO A 148 21.90 23.18 -23.82
C PRO A 148 20.43 23.28 -24.23
N ILE A 149 19.58 23.49 -23.24
CA ILE A 149 18.15 23.63 -23.46
C ILE A 149 17.73 24.83 -22.62
N PRO A 150 16.50 25.35 -22.83
CA PRO A 150 16.06 26.50 -22.04
C PRO A 150 16.31 26.21 -20.57
N ALA A 151 16.75 27.23 -19.84
CA ALA A 151 17.07 27.09 -18.43
C ALA A 151 16.00 26.40 -17.59
N HIS A 152 14.79 26.96 -17.55
CA HIS A 152 13.73 26.37 -16.76
C HIS A 152 13.31 25.00 -17.28
N MET A 153 13.39 24.84 -18.60
CA MET A 153 13.05 23.57 -19.23
C MET A 153 13.97 22.51 -18.61
N SER A 154 15.21 22.92 -18.35
CA SER A 154 16.17 22.03 -17.75
C SER A 154 15.71 21.73 -16.34
N GLY A 155 15.56 22.77 -15.53
CA GLY A 155 15.11 22.59 -14.15
C GLY A 155 13.98 21.60 -13.98
N ALA A 156 12.92 21.75 -14.76
CA ALA A 156 11.76 20.85 -14.68
C ALA A 156 12.18 19.40 -14.95
N LEU A 157 12.87 19.17 -16.08
CA LEU A 157 13.34 17.82 -16.39
C LEU A 157 14.18 17.23 -15.23
N GLY A 158 14.87 18.10 -14.50
CA GLY A 158 15.69 17.63 -13.41
C GLY A 158 14.96 16.83 -12.34
N ILE A 159 13.64 16.75 -12.42
CA ILE A 159 12.89 16.01 -11.40
C ILE A 159 12.81 14.51 -11.62
N ILE A 160 13.01 14.06 -12.85
CA ILE A 160 12.86 12.62 -13.15
C ILE A 160 13.99 11.67 -12.79
N GLY A 161 13.63 10.41 -12.64
CA GLY A 161 14.61 9.40 -12.31
C GLY A 161 14.41 8.77 -10.94
N HIS A 162 15.13 7.66 -10.70
CA HIS A 162 15.07 6.93 -9.43
C HIS A 162 15.37 7.91 -8.31
N MET A 163 14.81 7.66 -7.14
CA MET A 163 15.07 8.54 -6.02
C MET A 163 15.40 7.78 -4.74
N LYS A 164 16.46 8.22 -4.08
CA LYS A 164 16.90 7.63 -2.82
C LYS A 164 16.17 8.42 -1.73
N THR A 165 15.57 7.71 -0.79
CA THR A 165 14.83 8.36 0.28
C THR A 165 15.13 7.74 1.62
N LYS A 166 14.74 8.43 2.69
CA LYS A 166 14.98 7.94 4.05
C LYS A 166 14.26 6.64 4.32
N VAL A 167 13.65 6.08 3.29
CA VAL A 167 12.91 4.84 3.44
C VAL A 167 13.49 3.75 2.53
N GLY A 168 14.34 4.15 1.58
CA GLY A 168 14.94 3.21 0.67
C GLY A 168 14.91 3.78 -0.73
N ASP A 169 15.18 2.96 -1.73
CA ASP A 169 15.16 3.45 -3.11
C ASP A 169 13.80 3.22 -3.71
N VAL A 170 13.25 4.26 -4.32
CA VAL A 170 11.94 4.16 -4.99
C VAL A 170 12.34 4.25 -6.46
N LEU A 171 12.04 3.21 -7.23
CA LEU A 171 12.44 3.20 -8.63
C LEU A 171 11.39 3.61 -9.65
N VAL A 172 11.85 4.06 -10.81
CA VAL A 172 10.95 4.44 -11.89
C VAL A 172 10.62 3.11 -12.56
N LYS A 173 9.34 2.73 -12.52
CA LYS A 173 8.90 1.46 -13.08
C LYS A 173 9.25 1.30 -14.55
N ASP A 174 9.88 0.16 -14.86
CA ASP A 174 10.30 -0.17 -16.22
C ASP A 174 11.22 0.90 -16.82
N ALA A 175 12.10 1.44 -15.99
CA ALA A 175 13.03 2.48 -16.41
C ALA A 175 13.72 2.14 -17.73
N GLY A 176 14.21 0.90 -17.83
CA GLY A 176 14.89 0.47 -19.04
C GLY A 176 14.04 0.66 -20.30
N VAL A 177 12.80 0.20 -20.25
CA VAL A 177 11.90 0.34 -21.38
C VAL A 177 11.68 1.82 -21.64
N LEU A 178 11.35 2.56 -20.57
CA LEU A 178 11.09 3.99 -20.69
C LEU A 178 12.24 4.70 -21.38
N PHE A 179 13.45 4.50 -20.87
CA PHE A 179 14.66 5.11 -21.44
C PHE A 179 14.71 4.95 -22.98
N LYS A 180 14.36 3.77 -23.49
CA LYS A 180 14.38 3.54 -24.93
C LYS A 180 13.22 4.24 -25.63
N ARG A 181 12.03 4.17 -25.01
CA ARG A 181 10.85 4.82 -25.58
C ARG A 181 11.10 6.32 -25.62
N GLY A 182 11.59 6.88 -24.50
CA GLY A 182 11.89 8.30 -24.44
C GLY A 182 12.84 8.61 -25.59
N THR A 183 13.85 7.76 -25.81
CA THR A 183 14.83 7.96 -26.89
C THR A 183 14.20 7.89 -28.27
N ALA A 184 13.38 6.87 -28.48
CA ALA A 184 12.72 6.68 -29.77
C ALA A 184 11.85 7.89 -30.11
N ALA A 185 11.17 8.42 -29.10
CA ALA A 185 10.28 9.58 -29.24
C ALA A 185 10.99 10.81 -29.77
N GLY A 186 12.18 11.08 -29.23
CA GLY A 186 12.95 12.22 -29.69
C GLY A 186 13.38 12.02 -31.13
N VAL A 187 13.77 10.79 -31.45
CA VAL A 187 14.18 10.44 -32.81
C VAL A 187 13.01 10.64 -33.76
N THR A 188 11.80 10.41 -33.25
CA THR A 188 10.60 10.55 -34.07
C THR A 188 10.16 12.01 -34.25
N LYS A 189 10.20 12.77 -33.16
CA LYS A 189 9.82 14.18 -33.23
C LYS A 189 10.73 14.88 -34.25
N PHE A 190 12.03 14.61 -34.14
CA PHE A 190 12.98 15.23 -35.05
C PHE A 190 12.74 14.80 -36.48
N SER A 191 12.23 13.58 -36.66
CA SER A 191 11.97 13.08 -38.00
C SER A 191 10.76 13.74 -38.62
N GLU A 192 10.28 14.81 -38.01
CA GLU A 192 9.13 15.51 -38.56
C GLU A 192 9.62 16.75 -39.32
N ILE A 193 10.82 17.21 -39.00
CA ILE A 193 11.41 18.39 -39.65
C ILE A 193 11.32 18.17 -41.17
N ASP A 194 11.48 16.92 -41.59
CA ASP A 194 11.37 16.50 -42.99
C ASP A 194 10.34 15.39 -42.86
N ASN A 195 9.37 15.34 -43.76
CA ASN A 195 8.35 14.30 -43.65
C ASN A 195 8.85 12.86 -43.65
N ASP A 196 10.12 12.66 -43.28
CA ASP A 196 10.70 11.34 -43.23
C ASP A 196 9.81 10.40 -42.41
N LYS A 197 9.13 9.48 -43.10
CA LYS A 197 8.23 8.54 -42.43
C LYS A 197 8.89 7.26 -41.92
N THR A 198 10.21 7.18 -42.03
CA THR A 198 10.93 6.00 -41.56
C THR A 198 10.63 5.79 -40.07
N TRP A 199 10.62 6.88 -39.33
CA TRP A 199 10.34 6.87 -37.90
C TRP A 199 8.99 7.53 -37.75
N ASN A 200 7.96 6.71 -37.74
CA ASN A 200 6.61 7.21 -37.64
C ASN A 200 5.69 6.22 -36.92
N LEU A 201 6.00 5.96 -35.65
CA LEU A 201 5.22 5.05 -34.82
C LEU A 201 4.83 5.73 -33.51
N ASP A 202 4.07 5.00 -32.70
CA ASP A 202 3.66 5.54 -31.41
C ASP A 202 4.62 4.99 -30.37
N CYS A 203 5.77 5.64 -30.24
CA CYS A 203 6.80 5.22 -29.32
C CYS A 203 6.30 4.82 -27.95
N SER A 204 5.15 5.35 -27.55
CA SER A 204 4.60 5.03 -26.25
C SER A 204 4.13 3.58 -26.13
N LYS A 205 4.31 2.79 -27.20
CA LYS A 205 3.88 1.39 -27.20
C LYS A 205 5.00 0.42 -27.48
N LEU A 206 6.17 0.93 -27.87
CA LEU A 206 7.30 0.09 -28.22
C LEU A 206 7.85 -0.84 -27.14
N VAL A 207 8.22 -2.05 -27.57
CA VAL A 207 8.82 -3.06 -26.70
C VAL A 207 9.93 -3.72 -27.50
N TRP A 208 11.05 -3.99 -26.85
CA TRP A 208 12.17 -4.60 -27.51
C TRP A 208 12.34 -6.05 -27.08
N ALA A 209 13.31 -6.73 -27.68
CA ALA A 209 13.58 -8.12 -27.38
C ALA A 209 14.57 -8.31 -26.22
N ASP A 210 14.41 -7.54 -25.14
CA ASP A 210 15.30 -7.68 -23.99
C ASP A 210 14.50 -8.01 -22.73
N HIS A 211 15.20 -8.33 -21.65
CA HIS A 211 14.52 -8.69 -20.42
C HIS A 211 13.66 -7.57 -19.83
N SER A 212 14.19 -6.35 -19.82
CA SER A 212 13.43 -5.22 -19.27
C SER A 212 12.03 -5.16 -19.88
N SER A 213 11.94 -5.35 -21.21
CA SER A 213 10.66 -5.31 -21.91
C SER A 213 9.85 -6.57 -21.61
N LEU A 214 10.48 -7.73 -21.77
CA LEU A 214 9.82 -9.01 -21.53
C LEU A 214 9.16 -9.06 -20.17
N SER A 215 9.91 -8.63 -19.17
CA SER A 215 9.44 -8.60 -17.80
C SER A 215 8.17 -7.76 -17.70
N MET A 216 8.14 -6.64 -18.42
CA MET A 216 6.98 -5.77 -18.41
C MET A 216 5.83 -6.46 -19.16
N ILE A 217 6.17 -7.07 -20.29
CA ILE A 217 5.18 -7.77 -21.11
C ILE A 217 4.41 -8.73 -20.21
N LYS A 218 5.15 -9.64 -19.59
CA LYS A 218 4.55 -10.65 -18.73
C LYS A 218 3.68 -10.07 -17.63
N ARG A 219 4.09 -8.93 -17.08
CA ARG A 219 3.31 -8.32 -16.03
C ARG A 219 1.99 -7.81 -16.60
N LEU A 220 2.07 -7.12 -17.74
CA LEU A 220 0.87 -6.60 -18.37
C LEU A 220 -0.05 -7.74 -18.77
N ALA A 221 0.55 -8.91 -19.00
CA ALA A 221 -0.24 -10.08 -19.35
C ALA A 221 -1.08 -10.47 -18.15
N SER A 222 -0.44 -10.74 -17.01
CA SER A 222 -1.15 -11.13 -15.80
C SER A 222 -2.28 -10.17 -15.48
N GLU A 223 -1.98 -8.88 -15.50
CA GLU A 223 -3.00 -7.88 -15.21
C GLU A 223 -4.14 -8.02 -16.18
N LYS A 224 -3.83 -8.06 -17.47
CA LYS A 224 -4.86 -8.19 -18.50
C LYS A 224 -5.76 -9.42 -18.29
N ILE A 225 -5.15 -10.56 -17.98
CA ILE A 225 -5.90 -11.81 -17.74
C ILE A 225 -7.00 -11.56 -16.72
N SER A 226 -6.57 -11.36 -15.48
CA SER A 226 -7.47 -11.13 -14.35
C SER A 226 -8.49 -10.02 -14.61
N GLN A 227 -8.31 -9.27 -15.69
CA GLN A 227 -9.24 -8.20 -16.01
C GLN A 227 -10.36 -8.83 -16.83
N LEU A 228 -9.98 -9.79 -17.67
CA LEU A 228 -10.92 -10.48 -18.54
C LEU A 228 -11.72 -11.53 -17.76
N VAL A 229 -11.05 -12.21 -16.85
CA VAL A 229 -11.67 -13.25 -16.03
C VAL A 229 -12.78 -12.69 -15.14
N LYS A 230 -13.11 -11.42 -15.32
CA LYS A 230 -14.16 -10.79 -14.52
C LYS A 230 -15.49 -10.77 -15.26
N GLN A 231 -15.48 -11.26 -16.51
CA GLN A 231 -16.68 -11.28 -17.35
C GLN A 231 -17.54 -12.52 -17.10
N ARG A 232 -18.83 -12.43 -17.42
CA ARG A 232 -19.73 -13.55 -17.20
C ARG A 232 -20.55 -14.02 -18.41
N TYR A 233 -20.40 -15.29 -18.75
CA TYR A 233 -21.11 -15.89 -19.87
C TYR A 233 -21.98 -17.05 -19.33
N ARG A 234 -23.29 -17.02 -19.61
CA ARG A 234 -24.21 -18.06 -19.11
C ARG A 234 -24.35 -19.32 -19.96
N VAL A 235 -23.55 -20.34 -19.63
CA VAL A 235 -23.58 -21.62 -20.33
C VAL A 235 -24.76 -22.49 -19.85
N THR A 236 -25.75 -22.67 -20.74
CA THR A 236 -26.93 -23.50 -20.43
C THR A 236 -26.57 -24.96 -20.68
N ASP A 237 -26.71 -25.78 -19.65
CA ASP A 237 -26.37 -27.19 -19.71
C ASP A 237 -27.58 -28.13 -19.76
N ALA A 238 -27.30 -29.44 -19.84
CA ALA A 238 -28.34 -30.46 -19.82
C ALA A 238 -28.94 -30.28 -18.42
N GLN A 239 -28.14 -29.67 -17.55
CA GLN A 239 -28.49 -29.36 -16.16
C GLN A 239 -28.98 -27.91 -16.06
N GLY A 240 -30.05 -27.71 -15.30
CA GLY A 240 -30.60 -26.39 -15.13
C GLY A 240 -30.69 -25.57 -16.41
N HIS A 241 -30.94 -24.27 -16.23
CA HIS A 241 -31.08 -23.36 -17.36
C HIS A 241 -29.89 -22.39 -17.43
N VAL A 242 -30.16 -21.11 -17.20
CA VAL A 242 -29.14 -20.06 -17.23
C VAL A 242 -28.16 -20.21 -16.06
N TYR A 243 -26.89 -20.33 -16.39
CA TYR A 243 -25.84 -20.49 -15.38
C TYR A 243 -24.81 -19.37 -15.40
N SER A 244 -25.25 -18.12 -15.21
CA SER A 244 -24.32 -17.00 -15.22
C SER A 244 -22.99 -17.39 -14.59
N VAL A 245 -22.02 -17.77 -15.43
CA VAL A 245 -20.71 -18.20 -14.93
C VAL A 245 -19.57 -17.35 -15.51
N SER A 246 -18.34 -17.69 -15.12
CA SER A 246 -17.19 -16.95 -15.59
C SER A 246 -15.93 -17.84 -15.59
N MET A 247 -14.97 -17.45 -16.41
CA MET A 247 -13.73 -18.19 -16.54
C MET A 247 -12.95 -18.18 -15.23
N PRO A 248 -12.31 -19.31 -14.88
CA PRO A 248 -11.53 -19.40 -13.65
C PRO A 248 -10.39 -18.38 -13.56
N GLN A 249 -10.01 -18.05 -12.32
CA GLN A 249 -8.92 -17.13 -12.08
C GLN A 249 -7.62 -17.94 -12.09
N LEU A 250 -6.56 -17.34 -12.61
CA LEU A 250 -5.26 -18.02 -12.67
C LEU A 250 -4.67 -18.17 -11.28
N THR A 251 -5.36 -18.91 -10.42
CA THR A 251 -4.93 -19.09 -9.04
C THR A 251 -3.75 -20.01 -8.76
N ASP A 252 -3.95 -21.32 -8.87
CA ASP A 252 -2.88 -22.27 -8.57
C ASP A 252 -2.60 -23.27 -9.68
N GLN A 253 -3.22 -23.08 -10.84
CA GLN A 253 -3.02 -23.98 -11.97
C GLN A 253 -1.58 -23.88 -12.46
N ALA A 254 -1.18 -24.82 -13.31
CA ALA A 254 0.14 -24.79 -13.90
C ALA A 254 -0.14 -24.03 -15.19
N LEU A 255 0.78 -23.17 -15.61
CA LEU A 255 0.54 -22.39 -16.81
C LEU A 255 0.07 -23.22 -18.00
N PRO A 256 0.77 -24.33 -18.28
CA PRO A 256 0.37 -25.18 -19.41
C PRO A 256 -1.10 -25.59 -19.28
N ASP A 257 -1.46 -26.13 -18.11
CA ASP A 257 -2.82 -26.59 -17.81
C ASP A 257 -3.84 -25.47 -17.95
N TYR A 258 -3.53 -24.32 -17.36
CA TYR A 258 -4.44 -23.19 -17.43
C TYR A 258 -4.80 -22.94 -18.89
N TYR A 259 -3.83 -23.11 -19.78
CA TYR A 259 -4.07 -22.87 -21.20
C TYR A 259 -5.13 -23.80 -21.76
N ASP A 260 -4.93 -25.10 -21.56
CA ASP A 260 -5.87 -26.10 -22.05
C ASP A 260 -7.27 -25.76 -21.56
N SER A 261 -7.44 -25.77 -20.25
CA SER A 261 -8.71 -25.49 -19.59
C SER A 261 -9.41 -24.18 -19.95
N ILE A 262 -9.16 -23.64 -21.14
CA ILE A 262 -9.83 -22.40 -21.51
C ILE A 262 -10.96 -22.71 -22.47
N PRO A 263 -12.21 -22.54 -22.02
CA PRO A 263 -13.44 -22.79 -22.79
C PRO A 263 -13.60 -21.92 -24.02
N ASP A 264 -13.47 -22.55 -25.18
CA ASP A 264 -13.61 -21.89 -26.46
C ASP A 264 -14.75 -20.87 -26.42
N VAL A 265 -15.76 -21.15 -25.61
CA VAL A 265 -16.94 -20.30 -25.46
C VAL A 265 -16.67 -18.99 -24.69
N ALA A 266 -15.85 -19.09 -23.64
CA ALA A 266 -15.50 -17.96 -22.79
C ALA A 266 -15.26 -16.65 -23.54
N PRO A 267 -15.78 -15.52 -23.00
CA PRO A 267 -15.61 -14.20 -23.62
C PRO A 267 -14.11 -13.87 -23.73
N ASN A 268 -13.70 -13.38 -24.89
CA ASN A 268 -12.29 -13.03 -25.12
C ASN A 268 -11.45 -14.27 -24.80
N SER A 269 -11.89 -15.42 -25.29
CA SER A 269 -11.20 -16.69 -25.06
C SER A 269 -9.87 -16.73 -25.78
N ASP A 270 -9.79 -16.02 -26.90
CA ASP A 270 -8.59 -15.96 -27.70
C ASP A 270 -7.48 -15.29 -26.89
N GLN A 271 -7.75 -14.05 -26.47
CA GLN A 271 -6.79 -13.27 -25.69
C GLN A 271 -6.24 -14.09 -24.53
N LEU A 272 -7.13 -14.71 -23.76
CA LEU A 272 -6.70 -15.52 -22.61
C LEU A 272 -5.64 -16.53 -23.05
N ARG A 273 -5.79 -17.04 -24.27
CA ARG A 273 -4.85 -18.03 -24.81
C ARG A 273 -3.48 -17.40 -25.08
N VAL A 274 -3.48 -16.30 -25.82
CA VAL A 274 -2.26 -15.57 -26.16
C VAL A 274 -1.56 -15.23 -24.86
N LEU A 275 -2.22 -14.39 -24.06
CA LEU A 275 -1.70 -13.95 -22.77
C LEU A 275 -1.16 -15.06 -21.89
N THR A 276 -1.90 -16.16 -21.74
CA THR A 276 -1.41 -17.26 -20.91
C THR A 276 -0.10 -17.77 -21.49
N ALA A 277 -0.06 -17.81 -22.83
CA ALA A 277 1.12 -18.27 -23.55
C ALA A 277 2.32 -17.37 -23.25
N ALA A 278 2.08 -16.06 -23.30
CA ALA A 278 3.12 -15.07 -23.03
C ALA A 278 3.73 -15.31 -21.64
N LEU A 279 2.88 -15.58 -20.67
CA LEU A 279 3.32 -15.83 -19.31
C LEU A 279 4.30 -16.99 -19.28
N GLN A 280 4.31 -17.77 -20.36
CA GLN A 280 5.20 -18.92 -20.47
C GLN A 280 6.45 -18.62 -21.29
N MET A 281 6.24 -18.09 -22.49
CA MET A 281 7.31 -17.77 -23.42
C MET A 281 8.58 -17.25 -22.75
N SER A 282 9.73 -17.65 -23.32
CA SER A 282 11.03 -17.22 -22.82
C SER A 282 11.46 -16.02 -23.66
N LEU A 283 12.55 -15.35 -23.26
CA LEU A 283 13.02 -14.19 -24.03
C LEU A 283 13.29 -14.69 -25.44
N ALA A 284 13.98 -15.83 -25.51
CA ALA A 284 14.33 -16.47 -26.77
C ALA A 284 13.15 -16.55 -27.71
N GLN A 285 12.12 -17.25 -27.27
CA GLN A 285 10.90 -17.44 -28.07
C GLN A 285 10.25 -16.14 -28.50
N PHE A 286 10.34 -15.11 -27.65
CA PHE A 286 9.72 -13.83 -27.98
C PHE A 286 10.33 -13.23 -29.25
N ARG A 287 11.64 -13.40 -29.43
CA ARG A 287 12.30 -12.88 -30.62
C ARG A 287 11.77 -13.55 -31.88
N ASN A 288 11.88 -14.88 -31.89
CA ASN A 288 11.50 -15.71 -33.02
C ASN A 288 10.02 -16.03 -33.25
N ASP A 289 9.13 -15.30 -32.58
CA ASP A 289 7.70 -15.55 -32.74
C ASP A 289 7.34 -17.03 -32.60
N GLU A 290 7.83 -17.66 -31.54
CA GLU A 290 7.54 -19.06 -31.27
C GLU A 290 6.89 -19.15 -29.90
N LEU A 291 5.73 -18.51 -29.79
CA LEU A 291 4.99 -18.48 -28.55
C LEU A 291 4.40 -19.85 -28.21
N PRO A 292 4.90 -20.47 -27.12
CA PRO A 292 4.49 -21.78 -26.62
C PRO A 292 3.36 -22.50 -27.36
N HIS A 293 2.13 -22.25 -26.96
CA HIS A 293 1.01 -22.91 -27.60
C HIS A 293 0.75 -22.33 -28.97
N ASP A 294 1.72 -22.56 -29.87
CA ASP A 294 1.66 -22.10 -31.25
C ASP A 294 0.86 -20.81 -31.43
N GLU A 295 1.22 -19.78 -30.66
CA GLU A 295 0.52 -18.50 -30.70
C GLU A 295 1.30 -17.41 -31.46
N ASP A 296 0.60 -16.45 -32.04
CA ASP A 296 1.25 -15.38 -32.77
C ASP A 296 1.59 -14.16 -31.94
N ARG A 297 2.82 -13.70 -32.05
CA ARG A 297 3.27 -12.53 -31.31
C ARG A 297 2.46 -11.31 -31.75
N SER A 298 2.03 -11.31 -33.01
CA SER A 298 1.25 -10.18 -33.54
C SER A 298 -0.05 -10.02 -32.75
N ASP A 299 -0.50 -11.09 -32.12
CA ASP A 299 -1.73 -11.07 -31.33
C ASP A 299 -1.40 -10.61 -29.92
N LEU A 300 -0.36 -11.21 -29.35
CA LEU A 300 0.09 -10.85 -28.01
C LEU A 300 0.25 -9.35 -27.92
N LEU A 301 0.92 -8.79 -28.93
CA LEU A 301 1.17 -7.35 -28.98
C LEU A 301 -0.09 -6.56 -29.27
N THR A 302 -0.87 -7.04 -30.24
CA THR A 302 -2.09 -6.34 -30.60
C THR A 302 -3.12 -6.40 -29.46
N THR A 303 -2.94 -7.36 -28.55
CA THR A 303 -3.83 -7.51 -27.40
C THR A 303 -3.49 -6.48 -26.33
N LEU A 304 -2.22 -6.48 -25.91
CA LEU A 304 -1.72 -5.55 -24.90
C LEU A 304 -1.47 -4.16 -25.51
N ASP A 305 -1.85 -4.00 -26.77
CA ASP A 305 -1.68 -2.75 -27.49
C ASP A 305 -0.23 -2.23 -27.49
N LEU A 306 0.70 -3.08 -27.89
CA LEU A 306 2.12 -2.73 -27.96
C LEU A 306 2.58 -2.92 -29.40
N LEU A 307 3.75 -2.38 -29.73
CA LEU A 307 4.29 -2.54 -31.08
C LEU A 307 5.65 -3.17 -30.90
N TYR A 308 6.06 -4.04 -31.83
CA TYR A 308 7.36 -4.65 -31.69
C TYR A 308 8.43 -3.77 -32.28
N ALA A 309 9.23 -3.17 -31.42
CA ALA A 309 10.31 -2.29 -31.86
C ALA A 309 11.35 -3.10 -32.61
N ASP A 310 11.34 -2.97 -33.93
CA ASP A 310 12.28 -3.68 -34.78
C ASP A 310 12.49 -2.89 -36.06
N GLY A 311 13.50 -3.29 -36.82
CA GLY A 311 13.77 -2.60 -38.06
C GLY A 311 14.27 -1.20 -37.77
N ALA A 312 13.45 -0.20 -38.09
CA ALA A 312 13.83 1.19 -37.86
C ALA A 312 14.05 1.47 -36.38
N TYR A 313 13.06 1.15 -35.54
CA TYR A 313 13.19 1.41 -34.11
C TYR A 313 14.04 0.40 -33.33
N GLU A 314 15.02 -0.18 -34.00
CA GLU A 314 15.88 -1.15 -33.37
C GLU A 314 17.15 -0.49 -32.84
N ILE A 315 17.37 -0.62 -31.52
CA ILE A 315 18.50 -0.01 -30.82
C ILE A 315 19.63 0.60 -31.64
N SER A 316 20.46 -0.23 -32.26
CA SER A 316 21.57 0.27 -33.05
C SER A 316 21.15 1.29 -34.11
N ALA A 317 19.97 1.09 -34.70
CA ALA A 317 19.45 2.01 -35.71
C ALA A 317 19.16 3.33 -35.05
N LEU A 318 18.56 3.27 -33.85
CA LEU A 318 18.25 4.47 -33.09
C LEU A 318 19.52 5.25 -32.77
N ARG A 319 20.60 4.54 -32.43
CA ARG A 319 21.88 5.19 -32.14
C ARG A 319 22.30 6.07 -33.31
N ASP A 320 22.49 5.45 -34.47
CA ASP A 320 22.91 6.19 -35.64
C ASP A 320 21.98 7.35 -35.90
N GLN A 321 20.69 7.08 -35.88
CA GLN A 321 19.71 8.11 -36.15
C GLN A 321 19.85 9.28 -35.18
N PHE A 322 20.11 8.98 -33.91
CA PHE A 322 20.28 10.01 -32.88
C PHE A 322 21.49 10.87 -33.17
N GLU A 323 22.63 10.22 -33.39
CA GLU A 323 23.87 10.91 -33.67
C GLU A 323 23.72 11.90 -34.84
N LEU A 324 22.96 11.51 -35.85
CA LEU A 324 22.73 12.34 -37.03
C LEU A 324 21.86 13.54 -36.72
N LEU A 325 20.67 13.28 -36.20
CA LEU A 325 19.73 14.34 -35.87
C LEU A 325 20.39 15.36 -34.94
N MET A 326 21.25 14.87 -34.05
CA MET A 326 21.94 15.77 -33.12
C MET A 326 22.89 16.66 -33.89
N ALA A 327 23.64 16.06 -34.81
CA ALA A 327 24.58 16.82 -35.63
C ALA A 327 23.77 17.88 -36.38
N ARG A 328 22.66 17.48 -36.99
CA ARG A 328 21.82 18.42 -37.71
C ARG A 328 21.36 19.56 -36.81
N TYR A 329 20.87 19.22 -35.61
CA TYR A 329 20.41 20.24 -34.69
C TYR A 329 21.51 21.25 -34.40
N THR A 330 22.73 20.75 -34.22
CA THR A 330 23.89 21.62 -33.93
C THR A 330 24.17 22.61 -35.07
N THR A 331 23.98 22.17 -36.31
CA THR A 331 24.23 23.03 -37.45
C THR A 331 23.04 23.84 -37.96
N ASP A 332 21.82 23.37 -37.74
CA ASP A 332 20.64 24.09 -38.23
C ASP A 332 19.75 24.81 -37.21
N PHE A 333 19.84 24.48 -35.92
CA PHE A 333 18.96 25.12 -34.96
C PHE A 333 19.59 25.66 -33.68
N LYS A 334 20.62 24.98 -33.16
CA LYS A 334 21.30 25.40 -31.93
C LYS A 334 21.45 26.92 -31.81
N TRP A 335 22.03 27.53 -32.84
CA TRP A 335 22.22 28.96 -32.83
C TRP A 335 20.89 29.70 -32.66
N ARG A 336 19.90 29.31 -33.46
CA ARG A 336 18.60 29.96 -33.38
C ARG A 336 18.00 29.78 -31.99
N VAL A 337 17.91 28.54 -31.54
CA VAL A 337 17.35 28.27 -30.21
C VAL A 337 18.05 29.07 -29.11
N GLU A 338 19.37 29.12 -29.15
CA GLU A 338 20.13 29.84 -28.15
C GLU A 338 20.10 31.34 -28.29
N SER A 339 19.62 31.82 -29.43
CA SER A 339 19.52 33.25 -29.67
C SER A 339 18.14 33.75 -29.21
N ILE A 340 17.24 32.80 -28.99
CA ILE A 340 15.88 33.10 -28.55
C ILE A 340 15.70 32.95 -27.05
N PHE A 341 16.17 31.81 -26.50
CA PHE A 341 16.04 31.51 -25.07
C PHE A 341 17.33 31.59 -24.27
N LYS A 342 17.20 31.75 -22.96
CA LYS A 342 18.36 31.73 -22.09
C LYS A 342 18.48 30.22 -21.86
N VAL A 343 19.59 29.63 -22.27
CA VAL A 343 19.71 28.19 -22.12
C VAL A 343 20.66 27.80 -21.00
N GLY A 344 20.55 26.55 -20.56
CA GLY A 344 21.40 26.04 -19.50
C GLY A 344 21.75 24.59 -19.78
N PRO A 345 22.62 23.97 -18.97
CA PRO A 345 23.05 22.56 -19.12
C PRO A 345 21.93 21.58 -18.81
N PRO A 346 21.86 20.47 -19.55
CA PRO A 346 20.84 19.44 -19.37
C PRO A 346 20.98 18.71 -18.05
N PRO A 347 19.85 18.44 -17.38
CA PRO A 347 19.86 17.73 -16.09
C PRO A 347 20.61 16.45 -16.30
N ALA A 348 21.23 15.96 -15.23
CA ALA A 348 21.98 14.73 -15.30
C ALA A 348 22.47 14.41 -13.90
N GLY A 349 21.57 14.53 -12.92
CA GLY A 349 21.93 14.27 -11.54
C GLY A 349 21.80 12.81 -11.17
N THR A 350 21.71 12.53 -9.87
CA THR A 350 21.59 11.15 -9.43
C THR A 350 20.29 10.76 -8.76
N THR A 351 19.41 11.72 -8.52
CA THR A 351 18.14 11.43 -7.87
C THR A 351 17.00 12.18 -8.51
N GLY A 352 15.81 11.60 -8.40
CA GLY A 352 14.62 12.25 -8.91
C GLY A 352 14.07 13.00 -7.71
N TYR A 353 12.86 13.55 -7.80
CA TYR A 353 12.31 14.28 -6.65
C TYR A 353 10.86 13.97 -6.36
N GLY A 354 10.41 14.46 -5.20
CA GLY A 354 9.03 14.25 -4.81
C GLY A 354 8.02 14.59 -5.90
N ALA A 355 8.29 15.67 -6.63
CA ALA A 355 7.41 16.12 -7.72
C ALA A 355 6.95 14.98 -8.60
N GLN A 356 7.81 13.99 -8.82
CA GLN A 356 7.45 12.85 -9.65
C GLN A 356 6.22 12.15 -9.12
N THR A 357 5.90 12.33 -7.84
CA THR A 357 4.73 11.67 -7.27
C THR A 357 3.47 12.54 -7.25
N VAL A 358 3.38 13.55 -8.10
CA VAL A 358 2.21 14.40 -8.08
C VAL A 358 1.29 14.19 -9.29
N SER A 359 -0.01 14.34 -9.06
CA SER A 359 -1.02 14.20 -10.10
C SER A 359 -1.91 15.42 -10.13
N SER A 360 -2.18 15.92 -11.33
CA SER A 360 -3.00 17.11 -11.47
C SER A 360 -4.23 16.88 -12.33
N THR A 361 -5.31 17.59 -11.98
CA THR A 361 -6.56 17.52 -12.70
C THR A 361 -7.36 18.74 -12.32
N GLY A 362 -7.55 19.62 -13.29
CA GLY A 362 -8.28 20.85 -13.02
C GLY A 362 -7.39 21.76 -12.21
N ASN A 363 -7.88 22.18 -11.06
CA ASN A 363 -7.09 23.08 -10.24
C ASN A 363 -6.65 22.38 -8.97
N THR A 364 -6.84 21.07 -8.92
CA THR A 364 -6.44 20.30 -7.76
C THR A 364 -5.18 19.50 -8.10
N ALA A 365 -4.33 19.30 -7.10
CA ALA A 365 -3.10 18.54 -7.26
C ALA A 365 -3.11 17.53 -6.12
N ARG A 366 -2.66 16.31 -6.42
CA ARG A 366 -2.66 15.29 -5.38
C ARG A 366 -1.38 14.46 -5.31
N TRP A 367 -0.96 14.20 -4.08
CA TRP A 367 0.20 13.39 -3.83
C TRP A 367 -0.11 12.48 -2.64
N GLN A 368 0.90 11.80 -2.11
CA GLN A 368 0.67 10.90 -0.97
C GLN A 368 1.56 11.25 0.20
N PHE A 369 2.86 11.04 0.08
CA PHE A 369 3.72 11.40 1.19
C PHE A 369 4.12 12.86 1.09
N PRO A 370 4.32 13.50 2.26
CA PRO A 370 4.70 14.91 2.43
C PRO A 370 5.72 15.39 1.43
N LEU A 371 5.40 16.45 0.71
CA LEU A 371 6.32 17.01 -0.28
C LEU A 371 6.61 18.47 0.04
N SER A 372 7.72 18.99 -0.47
CA SER A 372 8.08 20.39 -0.25
C SER A 372 7.18 21.22 -1.17
N ASP A 373 7.25 22.54 -1.07
CA ASP A 373 6.41 23.35 -1.93
C ASP A 373 6.88 23.24 -3.37
N ALA A 374 8.19 23.36 -3.58
CA ALA A 374 8.75 23.28 -4.92
C ALA A 374 8.25 22.04 -5.63
N ASP A 375 8.26 20.91 -4.91
CA ASP A 375 7.82 19.65 -5.45
C ASP A 375 6.32 19.69 -5.80
N ILE A 376 5.50 20.23 -4.91
CA ILE A 376 4.06 20.32 -5.15
C ILE A 376 3.75 21.18 -6.38
N ASN A 377 4.35 22.36 -6.45
CA ASN A 377 4.16 23.27 -7.56
C ASN A 377 4.58 22.65 -8.89
N ILE A 378 5.87 22.34 -9.03
CA ILE A 378 6.36 21.72 -10.26
C ILE A 378 5.50 20.50 -10.57
N GLY A 379 5.23 19.69 -9.54
CA GLY A 379 4.42 18.51 -9.72
C GLY A 379 3.06 18.87 -10.30
N TYR A 380 2.46 19.94 -9.80
CA TYR A 380 1.15 20.38 -10.27
C TYR A 380 1.19 20.81 -11.73
N LEU A 381 2.25 21.50 -12.13
CA LEU A 381 2.34 21.96 -13.52
C LEU A 381 2.39 20.85 -14.54
N PHE A 382 3.11 19.77 -14.22
CA PHE A 382 3.26 18.70 -15.19
C PHE A 382 2.67 17.32 -14.88
N SER A 383 1.87 17.21 -13.82
CA SER A 383 1.23 15.95 -13.43
C SER A 383 2.00 14.74 -13.95
N PRO A 384 3.26 14.59 -13.51
CA PRO A 384 4.18 13.53 -13.89
C PRO A 384 3.92 12.07 -13.51
N SER A 385 3.10 11.79 -12.52
CA SER A 385 2.94 10.37 -12.17
C SER A 385 1.66 9.65 -12.54
N LYS A 386 1.81 8.35 -12.82
CA LYS A 386 0.69 7.49 -13.15
C LYS A 386 0.30 6.72 -11.91
N SER A 387 1.30 6.36 -11.11
CA SER A 387 1.06 5.63 -9.87
C SER A 387 2.29 5.73 -8.99
N PHE A 388 2.12 5.44 -7.71
CA PHE A 388 3.23 5.52 -6.75
C PHE A 388 2.97 4.68 -5.50
N SER A 389 3.92 3.80 -5.17
CA SER A 389 3.81 2.92 -4.01
C SER A 389 5.05 2.90 -3.15
N LEU A 390 4.85 2.97 -1.84
CA LEU A 390 5.95 2.94 -0.89
C LEU A 390 5.70 1.68 -0.10
N PHE A 391 6.57 0.70 -0.21
CA PHE A 391 6.37 -0.55 0.53
C PHE A 391 7.62 -1.02 1.26
N PRO A 392 8.19 -0.17 2.13
CA PRO A 392 9.39 -0.57 2.86
C PRO A 392 9.16 -1.80 3.72
N LYS A 393 10.24 -2.56 3.91
CA LYS A 393 10.22 -3.76 4.73
C LYS A 393 11.53 -3.93 5.47
N MET A 394 11.45 -3.82 6.79
CA MET A 394 12.61 -3.93 7.66
C MET A 394 12.58 -5.23 8.43
N VAL A 395 13.75 -5.68 8.88
CA VAL A 395 13.87 -6.89 9.67
C VAL A 395 15.04 -6.73 10.63
N GLY A 396 14.87 -7.25 11.85
CA GLY A 396 15.93 -7.14 12.84
C GLY A 396 16.08 -8.42 13.62
N TYR A 397 17.29 -8.68 14.10
CA TYR A 397 17.54 -9.89 14.87
C TYR A 397 17.97 -9.56 16.27
N SER A 398 17.46 -10.35 17.23
CA SER A 398 17.79 -10.17 18.63
C SER A 398 18.82 -11.21 19.03
N LYS A 399 19.66 -10.86 20.01
CA LYS A 399 20.68 -11.78 20.48
C LYS A 399 20.09 -12.53 21.67
N ARG A 400 18.85 -12.21 22.00
CA ARG A 400 18.15 -12.85 23.12
C ARG A 400 16.82 -13.43 22.70
N ALA A 401 16.49 -14.62 23.21
CA ALA A 401 15.22 -15.24 22.88
C ALA A 401 14.15 -14.34 23.47
N ARG A 402 12.97 -14.32 22.86
CA ARG A 402 11.91 -13.46 23.40
C ARG A 402 11.57 -13.85 24.82
N GLU A 403 11.56 -15.16 25.09
CA GLU A 403 11.22 -15.60 26.43
C GLU A 403 12.13 -15.04 27.50
N ASP A 404 13.43 -14.92 27.19
CA ASP A 404 14.35 -14.38 28.16
C ASP A 404 14.13 -12.87 28.29
N ALA A 405 14.18 -12.18 27.16
CA ALA A 405 13.99 -10.73 27.15
C ALA A 405 12.73 -10.34 27.93
N SER A 406 11.69 -11.14 27.76
CA SER A 406 10.43 -10.90 28.44
C SER A 406 10.64 -11.05 29.92
N ALA A 407 11.30 -12.14 30.29
CA ALA A 407 11.60 -12.42 31.69
C ALA A 407 12.23 -11.21 32.35
N SER A 408 13.23 -10.62 31.71
CA SER A 408 13.93 -9.47 32.24
C SER A 408 12.99 -8.29 32.38
N PHE A 409 12.25 -8.04 31.31
CA PHE A 409 11.31 -6.94 31.30
C PHE A 409 10.42 -7.02 32.54
N ALA A 410 10.00 -8.23 32.88
CA ALA A 410 9.13 -8.41 34.03
C ALA A 410 9.90 -8.30 35.33
N ASN A 411 11.15 -8.74 35.35
CA ASN A 411 11.92 -8.67 36.58
C ASN A 411 12.24 -7.25 37.00
N SER A 412 11.87 -6.31 36.16
CA SER A 412 12.10 -4.92 36.50
C SER A 412 11.24 -4.54 37.69
N ASP A 413 10.01 -5.06 37.74
CA ASP A 413 9.12 -4.75 38.85
C ASP A 413 9.27 -5.71 39.99
N ALA A 414 10.38 -6.44 40.04
CA ALA A 414 10.59 -7.42 41.11
C ALA A 414 10.87 -6.76 42.44
N LYS A 415 10.47 -7.43 43.53
CA LYS A 415 10.72 -6.90 44.86
C LYS A 415 11.94 -7.62 45.41
N LYS A 416 12.47 -7.12 46.53
CA LYS A 416 13.68 -7.70 47.12
C LYS A 416 13.70 -9.20 47.36
N PHE A 417 12.64 -9.74 47.97
CA PHE A 417 12.60 -11.16 48.30
C PHE A 417 12.83 -12.15 47.15
N TYR A 418 12.85 -11.69 45.91
CA TYR A 418 13.09 -12.59 44.79
C TYR A 418 13.89 -12.02 43.64
N ALA A 419 14.45 -10.82 43.84
CA ALA A 419 15.28 -10.19 42.82
C ALA A 419 16.69 -10.74 42.99
N ASP A 420 17.57 -10.51 42.02
CA ASP A 420 18.95 -11.00 42.12
C ASP A 420 19.81 -10.36 43.20
N MET B 42 7.16 21.52 10.87
CA MET B 42 7.64 21.23 9.48
C MET B 42 7.04 19.91 8.97
N ARG B 43 7.14 19.69 7.67
CA ARG B 43 6.62 18.48 7.02
C ARG B 43 7.58 17.32 7.21
N LEU B 44 7.16 16.12 6.83
CA LEU B 44 8.00 14.94 6.95
C LEU B 44 9.22 15.03 6.01
N GLY B 45 10.42 15.00 6.59
CA GLY B 45 11.64 15.08 5.79
C GLY B 45 12.04 13.70 5.28
N TRP B 46 11.11 13.07 4.57
CA TRP B 46 11.28 11.73 4.03
C TRP B 46 12.19 11.65 2.79
N ILE B 47 12.12 12.65 1.92
CA ILE B 47 12.93 12.69 0.70
C ILE B 47 13.51 14.11 0.52
N ASP B 48 14.47 14.28 -0.38
CA ASP B 48 15.06 15.59 -0.59
C ASP B 48 14.19 16.53 -1.36
N PRO B 49 14.16 17.80 -0.94
CA PRO B 49 13.36 18.86 -1.56
C PRO B 49 13.94 19.38 -2.87
N LEU B 50 13.05 19.60 -3.84
CA LEU B 50 13.44 20.11 -5.14
C LEU B 50 14.16 21.45 -4.99
N PRO B 51 15.33 21.62 -5.64
CA PRO B 51 16.19 22.80 -5.64
C PRO B 51 15.47 24.05 -6.13
N GLN B 52 14.40 24.40 -5.43
CA GLN B 52 13.57 25.58 -5.72
C GLN B 52 13.54 26.07 -7.16
N VAL B 53 12.87 25.32 -8.03
CA VAL B 53 12.76 25.72 -9.43
C VAL B 53 11.84 26.96 -9.40
N ASP B 54 12.47 28.13 -9.52
CA ASP B 54 11.85 29.46 -9.46
C ASP B 54 10.51 29.76 -10.17
N THR B 55 10.26 31.06 -10.38
CA THR B 55 9.05 31.61 -11.03
C THR B 55 7.72 31.16 -10.39
N ILE B 56 6.84 30.55 -11.21
CA ILE B 56 5.53 30.06 -10.78
C ILE B 56 4.86 31.01 -9.78
N PHE B 57 3.94 31.84 -10.27
CA PHE B 57 3.25 32.76 -9.38
C PHE B 57 2.63 31.99 -8.18
N PRO B 58 2.11 32.73 -7.16
CA PRO B 58 1.52 32.06 -5.98
C PRO B 58 0.23 31.31 -6.27
N LEU B 59 0.36 30.06 -6.71
CA LEU B 59 -0.81 29.26 -7.02
C LEU B 59 -1.64 28.97 -5.76
N GLY B 60 -1.00 29.05 -4.60
CA GLY B 60 -1.68 28.80 -3.34
C GLY B 60 -1.92 27.34 -3.01
N LEU B 61 -0.99 26.49 -3.43
CA LEU B 61 -1.12 25.05 -3.21
C LEU B 61 -0.65 24.60 -1.83
N GLU B 62 -1.44 24.87 -0.80
CA GLU B 62 -1.07 24.44 0.55
C GLU B 62 -1.54 22.97 0.61
N PRO B 63 -0.93 22.15 1.48
CA PRO B 63 -1.28 20.74 1.64
C PRO B 63 -2.53 20.51 2.51
N ASN B 64 -3.28 19.44 2.23
CA ASN B 64 -4.46 19.11 3.00
C ASN B 64 -4.60 17.60 3.02
N VAL B 65 -4.84 17.03 4.19
CA VAL B 65 -5.01 15.58 4.25
C VAL B 65 -6.37 15.28 3.66
N GLU B 66 -6.41 14.27 2.81
CA GLU B 66 -7.66 13.84 2.17
C GLU B 66 -8.06 12.48 2.74
N SER B 67 -7.05 11.72 3.14
CA SER B 67 -7.28 10.38 3.69
C SER B 67 -7.48 10.39 5.21
N ILE B 68 -8.72 10.19 5.63
CA ILE B 68 -9.05 10.14 7.04
C ILE B 68 -9.75 8.79 7.27
N PRO B 69 -9.04 7.81 7.86
CA PRO B 69 -7.66 7.81 8.34
C PRO B 69 -6.62 7.66 7.22
N ALA B 70 -5.35 7.91 7.57
CA ALA B 70 -4.27 7.79 6.63
C ALA B 70 -3.57 6.44 6.81
N GLY B 71 -4.12 5.59 7.68
CA GLY B 71 -3.52 4.29 7.91
C GLY B 71 -4.19 3.51 9.02
N GLU B 72 -4.03 2.19 9.00
CA GLU B 72 -4.62 1.36 10.04
C GLU B 72 -3.68 0.30 10.56
N VAL B 73 -3.92 -0.12 11.80
CA VAL B 73 -3.13 -1.17 12.41
C VAL B 73 -4.12 -2.16 12.96
N GLU B 74 -3.84 -3.44 12.75
CA GLU B 74 -4.71 -4.46 13.26
C GLU B 74 -3.91 -5.12 14.37
N LEU B 75 -4.29 -4.85 15.60
CA LEU B 75 -3.59 -5.41 16.75
C LEU B 75 -3.95 -6.89 16.93
N ASP B 76 -3.01 -7.65 17.48
CA ASP B 76 -3.24 -9.06 17.75
C ASP B 76 -4.13 -9.17 19.01
N PHE B 77 -5.32 -9.74 18.88
CA PHE B 77 -6.23 -9.88 20.00
C PHE B 77 -5.57 -10.28 21.31
N ASN B 78 -4.51 -11.07 21.22
CA ASN B 78 -3.82 -11.57 22.41
C ASN B 78 -2.76 -10.69 23.04
N LEU B 79 -2.51 -9.54 22.45
CA LEU B 79 -1.49 -8.65 22.97
C LEU B 79 -1.51 -8.56 24.50
N PRO B 80 -2.68 -8.29 25.11
CA PRO B 80 -2.72 -8.19 26.58
C PRO B 80 -2.32 -9.48 27.30
N GLU B 81 -2.48 -10.61 26.64
CA GLU B 81 -2.11 -11.88 27.24
C GLU B 81 -0.61 -12.02 27.12
N THR B 82 -0.10 -11.73 25.93
CA THR B 82 1.32 -11.80 25.64
C THR B 82 2.11 -10.95 26.64
N ILE B 83 1.51 -9.82 27.02
CA ILE B 83 2.15 -8.90 27.96
C ILE B 83 2.13 -9.43 29.40
N ALA B 84 0.97 -9.84 29.89
CA ALA B 84 0.85 -10.34 31.26
C ALA B 84 1.65 -11.62 31.51
N LYS B 85 1.81 -12.42 30.47
CA LYS B 85 2.53 -13.69 30.57
C LYS B 85 3.72 -13.71 31.54
N PRO B 86 4.77 -12.89 31.28
CA PRO B 86 5.97 -12.83 32.14
C PRO B 86 5.70 -12.63 33.62
N PHE B 87 4.75 -11.74 33.93
CA PHE B 87 4.39 -11.47 35.31
C PHE B 87 3.62 -12.63 35.89
N ALA B 88 2.53 -13.01 35.23
CA ALA B 88 1.74 -14.13 35.71
C ALA B 88 2.67 -15.31 36.00
N ASP B 89 3.69 -15.47 35.16
CA ASP B 89 4.66 -16.55 35.30
C ASP B 89 5.45 -16.46 36.60
N THR B 90 6.02 -15.29 36.89
CA THR B 90 6.80 -15.17 38.12
C THR B 90 5.90 -15.47 39.33
N VAL B 91 4.60 -15.22 39.17
CA VAL B 91 3.62 -15.49 40.24
C VAL B 91 3.53 -16.97 40.49
N THR B 92 3.95 -17.76 39.52
CA THR B 92 3.90 -19.19 39.67
C THR B 92 5.21 -19.75 40.18
N SER B 93 6.31 -19.14 39.80
CA SER B 93 7.61 -19.61 40.24
C SER B 93 7.92 -19.17 41.66
N VAL B 94 7.79 -17.88 41.90
CA VAL B 94 8.06 -17.33 43.22
C VAL B 94 7.03 -17.81 44.22
N GLY B 95 5.80 -18.03 43.75
CA GLY B 95 4.73 -18.47 44.62
C GLY B 95 5.07 -19.42 45.76
N ASP B 96 5.68 -20.54 45.42
CA ASP B 96 6.03 -21.56 46.39
C ASP B 96 6.91 -21.10 47.56
N ARG B 97 7.96 -20.33 47.30
CA ARG B 97 8.83 -19.87 48.38
C ARG B 97 7.99 -19.09 49.40
N ILE B 98 7.03 -18.30 48.92
CA ILE B 98 6.13 -17.59 49.81
C ILE B 98 5.12 -18.68 50.12
N GLN B 99 4.10 -18.37 50.91
CA GLN B 99 3.13 -19.40 51.21
C GLN B 99 1.97 -19.43 50.22
N LEU B 100 2.23 -18.91 49.01
CA LEU B 100 1.23 -18.83 47.94
C LEU B 100 1.23 -20.14 47.15
N VAL B 101 0.21 -20.97 47.32
CA VAL B 101 0.18 -22.23 46.58
C VAL B 101 -1.19 -22.73 46.12
N ASP B 102 -1.14 -23.60 45.12
CA ASP B 102 -2.34 -24.21 44.55
C ASP B 102 -3.39 -23.22 44.12
N ASP B 103 -4.65 -23.52 44.41
CA ASP B 103 -5.73 -22.63 44.03
C ASP B 103 -5.36 -21.16 44.13
N ASP B 104 -4.78 -20.77 45.26
CA ASP B 104 -4.38 -19.37 45.44
C ASP B 104 -3.37 -18.91 44.41
N LYS B 105 -2.24 -19.60 44.34
CA LYS B 105 -1.21 -19.22 43.39
C LYS B 105 -1.84 -19.01 42.02
N GLU B 106 -2.70 -19.94 41.65
CA GLU B 106 -3.36 -19.89 40.37
C GLU B 106 -4.32 -18.72 40.20
N ASN B 107 -4.99 -18.31 41.26
CA ASN B 107 -5.93 -17.18 41.15
C ASN B 107 -5.18 -15.88 40.98
N ILE B 108 -4.11 -15.70 41.75
CA ILE B 108 -3.30 -14.50 41.65
C ILE B 108 -2.82 -14.36 40.21
N ALA B 109 -2.29 -15.46 39.67
CA ALA B 109 -1.82 -15.45 38.29
C ALA B 109 -2.97 -15.11 37.36
N THR B 110 -4.13 -15.73 37.56
CA THR B 110 -5.28 -15.46 36.70
C THR B 110 -5.63 -13.97 36.73
N SER B 111 -5.63 -13.38 37.92
CA SER B 111 -5.94 -11.96 38.07
C SER B 111 -5.12 -11.12 37.11
N ILE B 112 -3.81 -11.33 37.12
CA ILE B 112 -2.93 -10.58 36.26
C ILE B 112 -3.33 -10.61 34.78
N TYR B 113 -3.80 -11.77 34.29
CA TYR B 113 -4.25 -11.84 32.91
C TYR B 113 -5.50 -11.00 32.77
N GLY B 114 -6.43 -11.18 33.71
CA GLY B 114 -7.67 -10.42 33.67
C GLY B 114 -7.49 -8.92 33.75
N LEU B 115 -6.60 -8.47 34.64
CA LEU B 115 -6.36 -7.05 34.78
C LEU B 115 -5.67 -6.57 33.51
N SER B 116 -4.83 -7.43 32.94
CA SER B 116 -4.14 -7.05 31.72
C SER B 116 -5.15 -6.70 30.63
N PHE B 117 -6.20 -7.50 30.48
CA PHE B 117 -7.23 -7.20 29.49
C PHE B 117 -7.99 -5.92 29.87
N PHE B 118 -8.44 -5.86 31.12
CA PHE B 118 -9.18 -4.71 31.61
C PHE B 118 -8.42 -3.38 31.46
N LYS B 119 -7.11 -3.42 31.69
CA LYS B 119 -6.26 -2.23 31.61
C LYS B 119 -5.91 -1.87 30.18
N ALA B 120 -5.87 -2.87 29.30
CA ALA B 120 -5.58 -2.64 27.89
C ALA B 120 -6.82 -2.03 27.25
N ALA B 121 -8.00 -2.35 27.79
CA ALA B 121 -9.26 -1.81 27.28
C ALA B 121 -9.29 -0.33 27.62
N ARG B 122 -8.95 -0.05 28.87
CA ARG B 122 -8.89 1.30 29.39
C ARG B 122 -8.09 2.14 28.41
N GLN B 123 -6.84 1.73 28.18
CA GLN B 123 -5.95 2.44 27.27
C GLN B 123 -6.61 2.71 25.93
N LEU B 124 -7.02 1.65 25.25
CA LEU B 124 -7.65 1.79 23.94
C LEU B 124 -8.78 2.82 23.96
N TYR B 125 -9.71 2.68 24.89
CA TYR B 125 -10.82 3.62 25.00
C TYR B 125 -10.29 5.03 25.11
N SER B 126 -9.29 5.20 25.97
CA SER B 126 -8.69 6.51 26.20
C SER B 126 -8.26 7.20 24.91
N THR B 127 -7.80 6.41 23.95
CA THR B 127 -7.35 6.98 22.68
C THR B 127 -8.37 6.95 21.56
N MET B 128 -9.60 6.53 21.84
CA MET B 128 -10.62 6.45 20.79
C MET B 128 -11.15 7.82 20.33
N LEU B 129 -11.62 7.87 19.08
CA LEU B 129 -12.19 9.09 18.51
C LEU B 129 -13.40 9.52 19.34
N ASP B 130 -13.80 10.79 19.24
CA ASP B 130 -14.93 11.27 20.02
C ASP B 130 -16.16 10.36 19.99
N HIS B 131 -16.67 10.08 18.79
CA HIS B 131 -17.85 9.23 18.65
C HIS B 131 -17.62 7.80 19.11
N GLU B 132 -16.40 7.29 18.95
CA GLU B 132 -16.10 5.92 19.39
C GLU B 132 -16.33 5.81 20.89
N LYS B 133 -15.95 6.84 21.63
CA LYS B 133 -16.14 6.83 23.08
C LYS B 133 -17.63 6.95 23.35
N ALA B 134 -18.32 7.77 22.56
CA ALA B 134 -19.76 7.97 22.73
C ALA B 134 -20.51 6.65 22.67
N VAL B 135 -20.30 5.92 21.58
CA VAL B 135 -20.92 4.63 21.37
C VAL B 135 -20.65 3.64 22.50
N ASN B 136 -19.44 3.67 23.06
CA ASN B 136 -19.13 2.75 24.14
C ASN B 136 -19.38 3.32 25.53
N GLN B 137 -20.11 4.43 25.56
CA GLN B 137 -20.49 5.11 26.80
C GLN B 137 -20.71 4.16 27.99
N PRO B 138 -21.57 3.12 27.84
CA PRO B 138 -21.91 2.14 28.87
C PRO B 138 -20.73 1.50 29.58
N LEU B 139 -19.70 1.14 28.82
CA LEU B 139 -18.54 0.52 29.43
C LEU B 139 -17.48 1.53 29.89
N LYS B 140 -17.89 2.78 30.07
CA LYS B 140 -16.94 3.81 30.49
C LYS B 140 -16.37 3.54 31.87
N ALA B 141 -17.00 2.66 32.65
CA ALA B 141 -16.49 2.35 33.97
C ALA B 141 -15.15 1.66 33.86
N VAL B 142 -14.97 0.93 32.75
CA VAL B 142 -13.72 0.20 32.47
C VAL B 142 -12.56 1.18 32.32
N TYR B 143 -12.89 2.32 31.71
CA TYR B 143 -11.94 3.39 31.44
C TYR B 143 -11.55 4.15 32.69
N TYR B 144 -12.52 4.36 33.57
CA TYR B 144 -12.29 5.08 34.81
C TYR B 144 -11.49 4.32 35.85
N ASP B 145 -11.72 3.02 35.98
CA ASP B 145 -11.00 2.25 36.99
C ASP B 145 -9.49 2.43 36.93
N GLU B 146 -8.88 2.78 38.07
CA GLU B 146 -7.45 2.99 38.13
C GLU B 146 -6.67 2.01 38.98
N THR B 147 -7.08 0.76 38.98
CA THR B 147 -6.37 -0.24 39.77
C THR B 147 -4.94 -0.36 39.28
N PRO B 148 -3.96 -0.29 40.19
CA PRO B 148 -2.53 -0.40 39.88
C PRO B 148 -2.22 -1.75 39.23
N ILE B 149 -1.10 -1.82 38.53
CA ILE B 149 -0.67 -3.07 37.92
C ILE B 149 0.86 -3.07 37.95
N PRO B 150 1.51 -4.23 37.70
CA PRO B 150 2.98 -4.18 37.73
C PRO B 150 3.40 -3.02 36.83
N ALA B 151 4.24 -2.15 37.37
CA ALA B 151 4.71 -0.97 36.65
C ALA B 151 5.04 -1.16 35.18
N HIS B 152 5.97 -2.05 34.86
CA HIS B 152 6.34 -2.26 33.46
C HIS B 152 5.22 -2.87 32.63
N MET B 153 4.28 -3.54 33.28
CA MET B 153 3.17 -4.13 32.56
C MET B 153 2.30 -2.97 32.11
N SER B 154 2.27 -1.94 32.95
CA SER B 154 1.51 -0.73 32.65
C SER B 154 2.19 -0.04 31.48
N GLY B 155 3.49 0.15 31.61
CA GLY B 155 4.25 0.78 30.56
C GLY B 155 4.02 0.14 29.20
N ALA B 156 4.03 -1.20 29.14
CA ALA B 156 3.83 -1.92 27.88
C ALA B 156 2.45 -1.64 27.27
N LEU B 157 1.42 -1.72 28.10
CA LEU B 157 0.06 -1.47 27.63
C LEU B 157 -0.08 -0.06 27.04
N GLY B 158 0.85 0.82 27.40
CA GLY B 158 0.81 2.18 26.90
C GLY B 158 0.99 2.30 25.39
N ILE B 159 1.52 1.26 24.75
CA ILE B 159 1.73 1.32 23.30
C ILE B 159 0.43 1.20 22.53
N ILE B 160 -0.61 0.71 23.19
CA ILE B 160 -1.91 0.52 22.54
C ILE B 160 -2.69 1.81 22.23
N GLY B 161 -3.35 1.84 21.08
CA GLY B 161 -4.16 2.98 20.70
C GLY B 161 -3.93 3.63 19.35
N HIS B 162 -4.85 4.51 18.96
CA HIS B 162 -4.77 5.26 17.70
C HIS B 162 -3.53 6.14 17.73
N MET B 163 -2.99 6.46 16.57
CA MET B 163 -1.80 7.30 16.54
C MET B 163 -1.94 8.54 15.68
N LYS B 164 -1.36 9.64 16.16
CA LYS B 164 -1.34 10.89 15.40
C LYS B 164 0.03 10.81 14.76
N THR B 165 0.11 10.98 13.43
CA THR B 165 1.40 10.89 12.76
C THR B 165 1.59 11.89 11.62
N LYS B 166 2.85 12.16 11.30
CA LYS B 166 3.23 13.08 10.25
C LYS B 166 2.57 12.88 8.88
N VAL B 167 1.72 11.87 8.74
CA VAL B 167 1.06 11.66 7.46
C VAL B 167 -0.45 11.59 7.61
N GLY B 168 -0.89 11.66 8.86
CA GLY B 168 -2.32 11.61 9.14
C GLY B 168 -2.62 10.80 10.38
N ASP B 169 -3.82 10.22 10.44
CA ASP B 169 -4.19 9.42 11.60
C ASP B 169 -4.17 7.93 11.27
N VAL B 170 -3.36 7.18 12.02
CA VAL B 170 -3.28 5.74 11.83
C VAL B 170 -4.14 5.17 12.94
N LEU B 171 -5.22 4.49 12.57
CA LEU B 171 -6.16 3.94 13.56
C LEU B 171 -6.04 2.45 13.85
N VAL B 172 -6.54 2.05 15.02
CA VAL B 172 -6.55 0.65 15.43
C VAL B 172 -7.82 0.09 14.79
N LYS B 173 -7.68 -0.70 13.73
CA LYS B 173 -8.84 -1.23 13.03
C LYS B 173 -9.85 -1.91 13.96
N ASP B 174 -11.12 -1.56 13.79
CA ASP B 174 -12.21 -2.12 14.60
C ASP B 174 -12.09 -1.89 16.10
N ALA B 175 -11.62 -0.72 16.51
CA ALA B 175 -11.46 -0.42 17.92
C ALA B 175 -12.69 -0.77 18.76
N GLY B 176 -13.87 -0.37 18.29
CA GLY B 176 -15.08 -0.65 19.04
C GLY B 176 -15.26 -2.12 19.37
N VAL B 177 -15.08 -2.96 18.36
CA VAL B 177 -15.20 -4.39 18.55
C VAL B 177 -14.14 -4.87 19.52
N LEU B 178 -12.89 -4.46 19.27
CA LEU B 178 -11.77 -4.87 20.10
C LEU B 178 -11.94 -4.44 21.56
N PHE B 179 -12.29 -3.17 21.79
CA PHE B 179 -12.50 -2.64 23.14
C PHE B 179 -13.50 -3.52 23.92
N LYS B 180 -14.58 -3.92 23.25
CA LYS B 180 -15.58 -4.78 23.87
C LYS B 180 -15.03 -6.21 24.06
N ARG B 181 -14.31 -6.73 23.08
CA ARG B 181 -13.73 -8.07 23.22
C ARG B 181 -12.71 -8.06 24.38
N GLY B 182 -11.81 -7.08 24.37
CA GLY B 182 -10.82 -6.96 25.43
C GLY B 182 -11.53 -6.95 26.78
N THR B 183 -12.67 -6.29 26.87
CA THR B 183 -13.43 -6.23 28.14
C THR B 183 -14.04 -7.57 28.52
N ALA B 184 -14.67 -8.22 27.56
CA ALA B 184 -15.30 -9.51 27.78
C ALA B 184 -14.23 -10.49 28.23
N ALA B 185 -13.06 -10.38 27.61
CA ALA B 185 -11.93 -11.27 27.91
C ALA B 185 -11.54 -11.22 29.38
N GLY B 186 -11.52 -10.01 29.94
CA GLY B 186 -11.17 -9.86 31.35
C GLY B 186 -12.23 -10.46 32.27
N VAL B 187 -13.49 -10.25 31.91
CA VAL B 187 -14.59 -10.79 32.69
C VAL B 187 -14.50 -12.30 32.64
N THR B 188 -14.21 -12.80 31.45
CA THR B 188 -14.10 -14.24 31.22
C THR B 188 -12.94 -14.84 32.00
N LYS B 189 -11.77 -14.22 31.89
CA LYS B 189 -10.60 -14.72 32.60
C LYS B 189 -10.86 -14.80 34.09
N PHE B 190 -11.40 -13.72 34.65
CA PHE B 190 -11.70 -13.67 36.08
C PHE B 190 -12.68 -14.75 36.48
N SER B 191 -13.55 -15.15 35.57
CA SER B 191 -14.52 -16.18 35.87
C SER B 191 -13.86 -17.50 36.21
N GLU B 192 -12.66 -17.72 35.69
CA GLU B 192 -11.95 -18.96 35.97
C GLU B 192 -11.70 -19.12 37.48
N ILE B 193 -11.48 -18.01 38.16
CA ILE B 193 -11.24 -18.04 39.60
C ILE B 193 -12.27 -18.94 40.28
N ASP B 194 -13.55 -18.74 39.96
CA ASP B 194 -14.63 -19.52 40.56
C ASP B 194 -15.18 -20.65 39.69
N ASN B 195 -14.54 -20.89 38.55
CA ASN B 195 -15.00 -21.92 37.62
C ASN B 195 -16.38 -21.60 37.08
N ASP B 196 -16.92 -20.46 37.51
CA ASP B 196 -18.22 -20.00 37.06
C ASP B 196 -18.25 -19.99 35.53
N LYS B 197 -18.97 -20.93 34.94
CA LYS B 197 -19.02 -21.03 33.48
C LYS B 197 -20.06 -20.17 32.78
N THR B 198 -20.57 -19.15 33.46
CA THR B 198 -21.54 -18.27 32.82
C THR B 198 -20.82 -17.55 31.69
N TRP B 199 -19.60 -17.13 31.98
CA TRP B 199 -18.75 -16.45 31.02
C TRP B 199 -17.75 -17.49 30.56
N ASN B 200 -18.14 -18.23 29.54
CA ASN B 200 -17.32 -19.31 29.01
C ASN B 200 -17.39 -19.32 27.49
N LEU B 201 -16.67 -18.40 26.86
CA LEU B 201 -16.67 -18.29 25.40
C LEU B 201 -15.33 -17.77 24.88
N ASP B 202 -15.06 -18.02 23.60
CA ASP B 202 -13.82 -17.54 23.00
C ASP B 202 -14.11 -16.10 22.65
N CYS B 203 -13.67 -15.18 23.51
CA CYS B 203 -13.92 -13.77 23.31
C CYS B 203 -13.36 -13.16 22.03
N SER B 204 -12.39 -13.83 21.41
CA SER B 204 -11.82 -13.31 20.19
C SER B 204 -12.87 -13.25 19.06
N LYS B 205 -13.83 -14.16 19.11
CA LYS B 205 -14.90 -14.25 18.10
C LYS B 205 -16.13 -13.38 18.30
N LEU B 206 -16.42 -13.01 19.54
CA LEU B 206 -17.59 -12.21 19.85
C LEU B 206 -17.83 -10.99 18.97
N VAL B 207 -19.10 -10.76 18.63
CA VAL B 207 -19.51 -9.59 17.85
C VAL B 207 -20.84 -9.17 18.42
N TRP B 208 -20.99 -7.87 18.63
CA TRP B 208 -22.21 -7.32 19.18
C TRP B 208 -23.09 -6.80 18.05
N ALA B 209 -24.27 -6.30 18.41
CA ALA B 209 -25.18 -5.76 17.41
C ALA B 209 -25.11 -4.25 17.29
N ASP B 210 -23.90 -3.71 17.24
CA ASP B 210 -23.71 -2.28 17.07
C ASP B 210 -23.07 -2.09 15.70
N HIS B 211 -22.92 -0.84 15.28
CA HIS B 211 -22.34 -0.61 13.96
C HIS B 211 -20.90 -1.05 13.80
N SER B 212 -20.09 -0.83 14.83
CA SER B 212 -18.68 -1.23 14.75
C SER B 212 -18.54 -2.68 14.30
N SER B 213 -19.31 -3.57 14.95
CA SER B 213 -19.27 -4.99 14.63
C SER B 213 -19.84 -5.26 13.25
N LEU B 214 -20.88 -4.52 12.88
CA LEU B 214 -21.51 -4.73 11.58
C LEU B 214 -20.52 -4.55 10.44
N SER B 215 -19.85 -3.40 10.41
CA SER B 215 -18.90 -3.13 9.34
C SER B 215 -17.91 -4.26 9.24
N MET B 216 -17.48 -4.76 10.38
CA MET B 216 -16.53 -5.85 10.40
C MET B 216 -17.16 -7.06 9.72
N ILE B 217 -18.37 -7.43 10.14
CA ILE B 217 -19.08 -8.57 9.57
C ILE B 217 -19.09 -8.43 8.05
N LYS B 218 -19.58 -7.28 7.58
CA LYS B 218 -19.68 -6.96 6.15
C LYS B 218 -18.34 -7.09 5.41
N ARG B 219 -17.26 -6.63 6.04
CA ARG B 219 -15.93 -6.71 5.42
C ARG B 219 -15.49 -8.15 5.31
N LEU B 220 -15.59 -8.87 6.42
CA LEU B 220 -15.22 -10.28 6.49
C LEU B 220 -16.02 -11.10 5.51
N ALA B 221 -17.18 -10.58 5.13
CA ALA B 221 -18.04 -11.26 4.16
C ALA B 221 -17.36 -11.13 2.81
N SER B 222 -17.18 -9.90 2.35
CA SER B 222 -16.53 -9.64 1.07
C SER B 222 -15.26 -10.45 0.97
N GLU B 223 -14.52 -10.53 2.08
CA GLU B 223 -13.28 -11.30 2.11
C GLU B 223 -13.57 -12.71 1.63
N LYS B 224 -14.45 -13.40 2.37
CA LYS B 224 -14.86 -14.78 2.07
C LYS B 224 -15.31 -15.03 0.63
N ILE B 225 -16.21 -14.17 0.13
CA ILE B 225 -16.72 -14.32 -1.22
C ILE B 225 -15.58 -14.38 -2.23
N SER B 226 -14.80 -13.30 -2.35
CA SER B 226 -13.69 -13.25 -3.29
C SER B 226 -12.64 -14.33 -2.96
N GLN B 227 -12.91 -15.09 -1.91
CA GLN B 227 -12.01 -16.16 -1.49
C GLN B 227 -12.56 -17.49 -1.99
N LEU B 228 -13.87 -17.68 -1.81
CA LEU B 228 -14.56 -18.91 -2.23
C LEU B 228 -14.69 -18.95 -3.76
N VAL B 229 -15.00 -17.80 -4.34
CA VAL B 229 -15.17 -17.65 -5.77
C VAL B 229 -13.95 -18.08 -6.59
N LYS B 230 -12.81 -18.26 -5.92
CA LYS B 230 -11.60 -18.66 -6.63
C LYS B 230 -11.65 -20.15 -6.97
N GLN B 231 -12.62 -20.86 -6.38
CA GLN B 231 -12.78 -22.28 -6.60
C GLN B 231 -13.44 -22.64 -7.92
N ARG B 232 -13.04 -23.79 -8.47
CA ARG B 232 -13.56 -24.28 -9.74
C ARG B 232 -14.44 -25.53 -9.61
N TYR B 233 -15.28 -25.76 -10.62
CA TYR B 233 -16.19 -26.91 -10.67
C TYR B 233 -16.56 -27.16 -12.15
N ARG B 234 -16.53 -28.42 -12.57
CA ARG B 234 -16.84 -28.76 -13.96
C ARG B 234 -18.33 -28.86 -14.31
N VAL B 235 -18.68 -28.28 -15.45
CA VAL B 235 -20.07 -28.26 -15.94
C VAL B 235 -20.19 -29.10 -17.24
N THR B 236 -20.33 -30.42 -17.10
CA THR B 236 -20.46 -31.33 -18.25
C THR B 236 -21.72 -31.04 -19.07
N ASP B 237 -21.55 -30.42 -20.24
CA ASP B 237 -22.68 -30.04 -21.11
C ASP B 237 -22.81 -30.92 -22.38
N ALA B 238 -24.03 -31.03 -22.90
CA ALA B 238 -24.30 -31.78 -24.12
C ALA B 238 -23.41 -31.19 -25.21
N GLN B 239 -23.50 -29.86 -25.34
CA GLN B 239 -22.72 -29.07 -26.29
C GLN B 239 -21.33 -28.81 -25.68
N GLY B 240 -20.34 -29.60 -26.10
CA GLY B 240 -18.99 -29.47 -25.57
C GLY B 240 -18.93 -30.19 -24.23
N HIS B 241 -18.13 -31.25 -24.14
CA HIS B 241 -18.00 -32.04 -22.91
C HIS B 241 -17.74 -31.21 -21.64
N VAL B 242 -17.29 -31.87 -20.58
CA VAL B 242 -17.01 -31.18 -19.32
C VAL B 242 -16.18 -29.89 -19.49
N TYR B 243 -16.70 -28.79 -18.92
CA TYR B 243 -16.01 -27.49 -18.97
C TYR B 243 -15.19 -27.36 -17.68
N SER B 244 -15.05 -26.12 -17.23
CA SER B 244 -14.31 -25.81 -16.02
C SER B 244 -14.54 -24.33 -15.86
N VAL B 245 -15.30 -23.97 -14.83
CA VAL B 245 -15.62 -22.57 -14.58
C VAL B 245 -15.75 -22.30 -13.08
N SER B 246 -15.90 -21.03 -12.71
CA SER B 246 -16.03 -20.67 -11.30
C SER B 246 -17.13 -19.66 -11.07
N MET B 247 -17.56 -19.55 -9.82
CA MET B 247 -18.59 -18.60 -9.47
C MET B 247 -18.07 -17.20 -9.82
N PRO B 248 -18.85 -16.44 -10.59
CA PRO B 248 -18.44 -15.10 -10.98
C PRO B 248 -18.13 -14.16 -9.81
N GLN B 249 -17.03 -13.43 -9.93
CA GLN B 249 -16.62 -12.47 -8.91
C GLN B 249 -17.71 -11.43 -8.78
N LEU B 250 -18.00 -11.05 -7.53
CA LEU B 250 -19.02 -10.05 -7.26
C LEU B 250 -18.48 -8.67 -7.64
N THR B 251 -18.51 -8.37 -8.94
CA THR B 251 -18.00 -7.10 -9.42
C THR B 251 -19.00 -5.95 -9.33
N ASP B 252 -19.66 -5.67 -10.45
CA ASP B 252 -20.61 -4.57 -10.54
C ASP B 252 -22.06 -5.00 -10.42
N GLN B 253 -22.28 -6.30 -10.34
CA GLN B 253 -23.64 -6.83 -10.21
C GLN B 253 -24.28 -6.43 -8.87
N ALA B 254 -25.60 -6.24 -8.86
CA ALA B 254 -26.33 -5.86 -7.66
C ALA B 254 -26.46 -7.06 -6.72
N LEU B 255 -26.33 -6.79 -5.43
CA LEU B 255 -26.40 -7.84 -4.42
C LEU B 255 -27.55 -8.81 -4.60
N PRO B 256 -28.79 -8.30 -4.79
CA PRO B 256 -29.95 -9.17 -4.98
C PRO B 256 -29.72 -10.22 -6.05
N ASP B 257 -29.43 -9.75 -7.27
CA ASP B 257 -29.20 -10.63 -8.41
C ASP B 257 -28.07 -11.60 -8.15
N TYR B 258 -26.98 -11.08 -7.58
CA TYR B 258 -25.82 -11.93 -7.28
C TYR B 258 -26.30 -13.14 -6.47
N TYR B 259 -27.18 -12.89 -5.50
CA TYR B 259 -27.71 -13.95 -4.65
C TYR B 259 -28.34 -15.06 -5.47
N ASP B 260 -29.33 -14.68 -6.27
CA ASP B 260 -30.06 -15.62 -7.13
C ASP B 260 -29.07 -16.40 -8.01
N SER B 261 -28.31 -15.66 -8.81
CA SER B 261 -27.33 -16.23 -9.73
C SER B 261 -26.33 -17.21 -9.13
N ILE B 262 -26.62 -17.75 -7.96
CA ILE B 262 -25.70 -18.69 -7.34
C ILE B 262 -26.19 -20.12 -7.48
N PRO B 263 -25.51 -20.91 -8.34
CA PRO B 263 -25.80 -22.32 -8.64
C PRO B 263 -25.44 -23.23 -7.48
N ASP B 264 -26.39 -24.08 -7.07
CA ASP B 264 -26.17 -25.01 -5.97
C ASP B 264 -24.98 -25.90 -6.22
N VAL B 265 -24.62 -26.06 -7.49
CA VAL B 265 -23.49 -26.90 -7.86
C VAL B 265 -22.14 -26.28 -7.51
N ALA B 266 -22.05 -24.95 -7.57
CA ALA B 266 -20.82 -24.22 -7.28
C ALA B 266 -20.32 -24.52 -5.86
N PRO B 267 -19.02 -24.84 -5.71
CA PRO B 267 -18.49 -25.15 -4.37
C PRO B 267 -18.83 -24.09 -3.33
N ASN B 268 -19.36 -24.53 -2.19
CA ASN B 268 -19.74 -23.66 -1.09
C ASN B 268 -20.86 -22.71 -1.51
N SER B 269 -21.84 -23.29 -2.19
CA SER B 269 -23.00 -22.57 -2.68
C SER B 269 -23.76 -21.90 -1.55
N ASP B 270 -24.03 -22.66 -0.49
CA ASP B 270 -24.78 -22.15 0.64
C ASP B 270 -24.13 -20.95 1.30
N GLN B 271 -22.83 -21.06 1.55
CA GLN B 271 -22.12 -19.97 2.17
C GLN B 271 -22.18 -18.68 1.35
N LEU B 272 -21.92 -18.78 0.05
CA LEU B 272 -21.98 -17.59 -0.80
C LEU B 272 -23.32 -16.90 -0.60
N ARG B 273 -24.38 -17.69 -0.50
CA ARG B 273 -25.73 -17.16 -0.29
C ARG B 273 -25.76 -16.31 0.98
N VAL B 274 -25.45 -16.95 2.10
CA VAL B 274 -25.44 -16.31 3.41
C VAL B 274 -24.66 -15.01 3.39
N LEU B 275 -23.37 -15.11 3.08
CA LEU B 275 -22.48 -13.97 3.02
C LEU B 275 -22.99 -12.84 2.11
N THR B 276 -23.59 -13.18 0.98
CA THR B 276 -24.11 -12.15 0.09
C THR B 276 -25.24 -11.44 0.83
N ALA B 277 -26.09 -12.26 1.44
CA ALA B 277 -27.22 -11.77 2.20
C ALA B 277 -26.72 -10.81 3.26
N ALA B 278 -25.63 -11.21 3.93
CA ALA B 278 -25.04 -10.40 4.99
C ALA B 278 -24.63 -9.04 4.44
N LEU B 279 -24.06 -9.01 3.24
CA LEU B 279 -23.64 -7.75 2.63
C LEU B 279 -24.86 -6.82 2.51
N GLN B 280 -26.06 -7.40 2.54
CA GLN B 280 -27.29 -6.63 2.42
C GLN B 280 -27.94 -6.24 3.75
N MET B 281 -27.74 -7.05 4.80
CA MET B 281 -28.33 -6.79 6.12
C MET B 281 -28.33 -5.34 6.55
N SER B 282 -29.25 -5.02 7.45
CA SER B 282 -29.36 -3.69 8.05
C SER B 282 -29.05 -4.02 9.50
N LEU B 283 -28.44 -3.09 10.23
CA LEU B 283 -28.11 -3.39 11.62
C LEU B 283 -29.31 -4.05 12.31
N ALA B 284 -30.50 -3.54 12.01
CA ALA B 284 -31.73 -4.06 12.60
C ALA B 284 -31.95 -5.52 12.22
N GLN B 285 -31.85 -5.82 10.93
CA GLN B 285 -32.04 -7.19 10.45
C GLN B 285 -31.10 -8.16 11.15
N PHE B 286 -29.82 -7.78 11.24
CA PHE B 286 -28.80 -8.61 11.87
C PHE B 286 -29.13 -8.87 13.33
N ARG B 287 -29.66 -7.85 13.99
CA ARG B 287 -30.01 -7.92 15.40
C ARG B 287 -31.22 -8.81 15.67
N ASN B 288 -32.06 -9.04 14.65
CA ASN B 288 -33.26 -9.87 14.80
C ASN B 288 -33.30 -11.17 13.99
N ASP B 289 -32.15 -11.59 13.47
CA ASP B 289 -32.06 -12.82 12.70
C ASP B 289 -32.91 -12.86 11.43
N GLU B 290 -33.41 -11.70 11.01
CA GLU B 290 -34.22 -11.61 9.81
C GLU B 290 -33.34 -11.14 8.64
N LEU B 291 -32.40 -11.99 8.28
CA LEU B 291 -31.47 -11.69 7.20
C LEU B 291 -32.13 -11.76 5.86
N PRO B 292 -31.84 -10.80 4.97
CA PRO B 292 -32.44 -10.79 3.62
C PRO B 292 -32.32 -12.17 2.98
N HIS B 293 -33.20 -12.46 2.04
CA HIS B 293 -33.21 -13.76 1.35
C HIS B 293 -33.31 -14.87 2.37
N ASP B 294 -34.01 -14.56 3.45
CA ASP B 294 -34.27 -15.49 4.54
C ASP B 294 -33.12 -16.43 4.95
N GLU B 295 -31.95 -15.86 5.21
CA GLU B 295 -30.81 -16.65 5.63
C GLU B 295 -30.72 -16.63 7.15
N ASP B 296 -29.94 -17.55 7.73
CA ASP B 296 -29.81 -17.61 9.17
C ASP B 296 -28.55 -16.98 9.72
N ARG B 297 -28.72 -16.15 10.76
CA ARG B 297 -27.58 -15.53 11.39
C ARG B 297 -26.68 -16.64 11.90
N SER B 298 -27.30 -17.73 12.31
CA SER B 298 -26.58 -18.89 12.81
C SER B 298 -25.49 -19.31 11.84
N ASP B 299 -25.84 -19.34 10.55
CA ASP B 299 -24.88 -19.73 9.52
C ASP B 299 -23.89 -18.60 9.25
N LEU B 300 -24.41 -17.38 9.03
CA LEU B 300 -23.55 -16.25 8.77
C LEU B 300 -22.42 -16.21 9.79
N LEU B 301 -22.76 -16.38 11.07
CA LEU B 301 -21.77 -16.36 12.14
C LEU B 301 -20.88 -17.58 12.15
N THR B 302 -21.48 -18.74 11.92
CA THR B 302 -20.71 -19.97 11.93
C THR B 302 -19.80 -20.05 10.69
N THR B 303 -20.19 -19.36 9.63
CA THR B 303 -19.40 -19.34 8.41
C THR B 303 -18.13 -18.54 8.67
N LEU B 304 -18.32 -17.37 9.29
CA LEU B 304 -17.24 -16.45 9.63
C LEU B 304 -16.63 -16.77 10.98
N ASP B 305 -16.90 -17.97 11.48
CA ASP B 305 -16.38 -18.38 12.77
C ASP B 305 -16.42 -17.25 13.82
N LEU B 306 -17.61 -16.69 13.99
CA LEU B 306 -17.85 -15.60 14.95
C LEU B 306 -18.85 -16.13 15.99
N LEU B 307 -19.16 -15.30 16.98
CA LEU B 307 -20.11 -15.66 18.03
C LEU B 307 -20.94 -14.43 18.34
N TYR B 308 -22.23 -14.63 18.56
CA TYR B 308 -23.09 -13.49 18.86
C TYR B 308 -23.10 -13.18 20.34
N ALA B 309 -22.55 -12.03 20.70
CA ALA B 309 -22.51 -11.63 22.09
C ALA B 309 -23.89 -11.22 22.54
N ASP B 310 -24.50 -12.04 23.38
CA ASP B 310 -25.83 -11.78 23.91
C ASP B 310 -25.94 -12.52 25.22
N GLY B 311 -27.08 -12.41 25.89
CA GLY B 311 -27.22 -13.09 27.16
C GLY B 311 -26.17 -12.57 28.12
N ALA B 312 -25.24 -13.43 28.52
CA ALA B 312 -24.18 -13.02 29.46
C ALA B 312 -23.25 -11.97 28.86
N TYR B 313 -22.69 -12.21 27.68
CA TYR B 313 -21.79 -11.25 27.05
C TYR B 313 -22.44 -10.01 26.47
N GLU B 314 -23.66 -9.72 26.89
CA GLU B 314 -24.40 -8.56 26.41
C GLU B 314 -23.84 -7.34 27.16
N ILE B 315 -23.45 -6.29 26.42
CA ILE B 315 -22.88 -5.04 26.97
C ILE B 315 -23.24 -4.76 28.44
N SER B 316 -24.51 -4.48 28.67
CA SER B 316 -25.00 -4.22 30.00
C SER B 316 -24.49 -5.24 31.03
N ALA B 317 -24.75 -6.52 30.80
CA ALA B 317 -24.32 -7.57 31.73
C ALA B 317 -22.83 -7.51 32.10
N LEU B 318 -21.99 -7.22 31.11
CA LEU B 318 -20.55 -7.12 31.33
C LEU B 318 -20.29 -5.99 32.31
N ARG B 319 -20.94 -4.84 32.08
CA ARG B 319 -20.78 -3.68 32.95
C ARG B 319 -20.91 -4.07 34.41
N ASP B 320 -22.04 -4.68 34.77
CA ASP B 320 -22.30 -5.09 36.14
C ASP B 320 -21.25 -6.05 36.65
N GLN B 321 -21.04 -7.11 35.89
CA GLN B 321 -20.06 -8.13 36.26
C GLN B 321 -18.69 -7.52 36.50
N PHE B 322 -18.32 -6.54 35.68
CA PHE B 322 -17.03 -5.87 35.81
C PHE B 322 -16.94 -5.24 37.19
N GLU B 323 -17.96 -4.45 37.51
CA GLU B 323 -18.04 -3.79 38.80
C GLU B 323 -17.89 -4.78 39.93
N LEU B 324 -18.46 -5.98 39.81
CA LEU B 324 -18.32 -6.94 40.89
C LEU B 324 -16.91 -7.47 40.95
N LEU B 325 -16.41 -7.87 39.79
CA LEU B 325 -15.06 -8.41 39.70
C LEU B 325 -14.09 -7.42 40.32
N MET B 326 -14.27 -6.14 40.03
CA MET B 326 -13.38 -5.14 40.57
C MET B 326 -13.47 -5.03 42.09
N ALA B 327 -14.67 -5.03 42.63
CA ALA B 327 -14.84 -4.94 44.08
C ALA B 327 -14.30 -6.20 44.75
N ARG B 328 -14.40 -7.32 44.05
CA ARG B 328 -13.92 -8.58 44.57
C ARG B 328 -12.39 -8.55 44.57
N TYR B 329 -11.81 -8.17 43.43
CA TYR B 329 -10.34 -8.09 43.30
C TYR B 329 -9.71 -7.23 44.39
N THR B 330 -10.31 -6.08 44.67
CA THR B 330 -9.82 -5.15 45.67
C THR B 330 -9.57 -5.80 47.03
N THR B 331 -10.59 -6.49 47.51
CA THR B 331 -10.53 -7.16 48.81
C THR B 331 -9.66 -8.39 48.85
N ASP B 332 -10.00 -9.31 47.96
CA ASP B 332 -9.38 -10.62 47.87
C ASP B 332 -8.02 -10.83 47.24
N PHE B 333 -7.70 -10.13 46.16
CA PHE B 333 -6.41 -10.38 45.53
C PHE B 333 -5.44 -9.21 45.47
N LYS B 334 -5.96 -7.98 45.51
CA LYS B 334 -5.12 -6.80 45.44
C LYS B 334 -3.87 -6.91 46.31
N TRP B 335 -4.03 -7.25 47.59
CA TRP B 335 -2.86 -7.29 48.47
C TRP B 335 -1.74 -8.21 48.01
N ARG B 336 -2.05 -9.43 47.56
CA ARG B 336 -1.02 -10.34 47.09
C ARG B 336 -0.34 -9.73 45.87
N VAL B 337 -1.14 -9.50 44.83
CA VAL B 337 -0.63 -8.92 43.59
C VAL B 337 0.32 -7.76 43.86
N GLU B 338 -0.06 -6.85 44.73
CA GLU B 338 0.78 -5.70 45.04
C GLU B 338 1.96 -5.98 45.96
N SER B 339 2.03 -7.19 46.53
CA SER B 339 3.15 -7.52 47.41
C SER B 339 4.19 -8.31 46.62
N ILE B 340 3.82 -8.69 45.40
CA ILE B 340 4.72 -9.47 44.55
C ILE B 340 5.42 -8.54 43.58
N PHE B 341 4.70 -7.51 43.13
CA PHE B 341 5.25 -6.56 42.16
C PHE B 341 5.25 -5.11 42.59
N LYS B 342 6.13 -4.34 41.97
CA LYS B 342 6.19 -2.91 42.19
C LYS B 342 5.10 -2.54 41.21
N VAL B 343 4.05 -1.90 41.70
CA VAL B 343 2.96 -1.55 40.81
C VAL B 343 2.93 -0.08 40.50
N GLY B 344 2.15 0.28 39.50
CA GLY B 344 2.01 1.66 39.09
C GLY B 344 0.62 1.88 38.53
N PRO B 345 0.24 3.12 38.22
CA PRO B 345 -1.08 3.44 37.68
C PRO B 345 -1.22 2.89 36.29
N PRO B 346 -2.44 2.48 35.90
CA PRO B 346 -2.68 1.93 34.56
C PRO B 346 -2.50 3.03 33.54
N PRO B 347 -2.12 2.67 32.32
CA PRO B 347 -1.93 3.70 31.30
C PRO B 347 -3.30 4.21 30.89
N ALA B 348 -3.31 5.41 30.32
CA ALA B 348 -4.54 6.05 29.86
C ALA B 348 -4.12 7.23 28.99
N GLY B 349 -3.22 6.97 28.05
CA GLY B 349 -2.71 8.01 27.17
C GLY B 349 -3.64 8.52 26.08
N THR B 350 -3.09 9.32 25.17
CA THR B 350 -3.86 9.88 24.06
C THR B 350 -3.54 9.21 22.73
N THR B 351 -2.35 8.63 22.65
CA THR B 351 -1.90 8.00 21.42
C THR B 351 -1.24 6.68 21.68
N GLY B 352 -1.20 5.84 20.65
CA GLY B 352 -0.54 4.55 20.72
C GLY B 352 0.87 4.82 20.23
N TYR B 353 1.61 3.79 19.86
CA TYR B 353 2.97 4.02 19.39
C TYR B 353 3.45 3.11 18.29
N GLY B 354 4.56 3.50 17.68
CA GLY B 354 5.13 2.72 16.61
C GLY B 354 5.19 1.23 16.92
N ALA B 355 5.56 0.89 18.15
CA ALA B 355 5.67 -0.51 18.57
C ALA B 355 4.52 -1.38 18.06
N GLN B 356 3.30 -0.85 18.08
CA GLN B 356 2.11 -1.58 17.60
C GLN B 356 2.28 -2.10 16.18
N THR B 357 3.35 -1.69 15.51
CA THR B 357 3.63 -2.04 14.13
C THR B 357 4.59 -3.22 13.93
N VAL B 358 5.16 -3.72 15.01
CA VAL B 358 6.12 -4.82 14.93
C VAL B 358 5.52 -6.23 15.01
N SER B 359 6.22 -7.20 14.40
CA SER B 359 5.85 -8.61 14.38
C SER B 359 7.06 -9.44 14.78
N SER B 360 6.83 -10.45 15.61
CA SER B 360 7.95 -11.26 16.06
C SER B 360 7.78 -12.74 15.82
N THR B 361 8.93 -13.41 15.70
CA THR B 361 9.02 -14.85 15.51
C THR B 361 10.43 -15.24 15.90
N GLY B 362 10.55 -16.15 16.85
CA GLY B 362 11.86 -16.57 17.27
C GLY B 362 12.68 -15.38 17.72
N ASN B 363 13.76 -15.07 17.00
CA ASN B 363 14.60 -13.95 17.38
C ASN B 363 14.58 -12.80 16.38
N THR B 364 13.57 -12.76 15.52
CA THR B 364 13.48 -11.69 14.54
C THR B 364 12.24 -10.82 14.70
N ALA B 365 12.41 -9.53 14.45
CA ALA B 365 11.32 -8.57 14.53
C ALA B 365 11.14 -8.11 13.09
N ARG B 366 10.00 -7.54 12.77
CA ARG B 366 9.78 -7.10 11.42
C ARG B 366 8.78 -5.96 11.40
N TRP B 367 9.16 -4.84 10.78
CA TRP B 367 8.29 -3.67 10.69
C TRP B 367 8.40 -3.02 9.31
N GLN B 368 7.65 -1.95 9.07
CA GLN B 368 7.69 -1.32 7.76
C GLN B 368 8.30 0.06 7.74
N PHE B 369 7.69 1.01 8.44
CA PHE B 369 8.26 2.35 8.46
C PHE B 369 9.10 2.54 9.71
N PRO B 370 10.15 3.37 9.59
CA PRO B 370 11.12 3.71 10.64
C PRO B 370 10.53 3.88 12.04
N LEU B 371 11.05 3.09 12.98
CA LEU B 371 10.61 3.15 14.37
C LEU B 371 11.79 3.50 15.25
N SER B 372 11.51 4.03 16.43
CA SER B 372 12.57 4.37 17.37
C SER B 372 13.17 3.04 17.80
N ASP B 373 14.05 3.07 18.79
CA ASP B 373 14.62 1.82 19.27
C ASP B 373 13.71 1.14 20.27
N ALA B 374 13.21 1.90 21.23
CA ALA B 374 12.31 1.34 22.23
C ALA B 374 11.05 0.83 21.54
N ASP B 375 10.64 1.50 20.47
CA ASP B 375 9.45 1.06 19.74
C ASP B 375 9.73 -0.33 19.14
N ILE B 376 10.90 -0.49 18.52
CA ILE B 376 11.28 -1.78 17.92
C ILE B 376 11.46 -2.86 18.99
N ASN B 377 11.97 -2.46 20.15
CA ASN B 377 12.21 -3.40 21.25
C ASN B 377 10.93 -3.92 21.90
N ILE B 378 10.10 -3.00 22.38
CA ILE B 378 8.85 -3.41 23.00
C ILE B 378 8.09 -4.18 21.94
N GLY B 379 8.24 -3.75 20.70
CA GLY B 379 7.56 -4.41 19.61
C GLY B 379 7.95 -5.88 19.45
N TYR B 380 9.25 -6.16 19.55
CA TYR B 380 9.75 -7.51 19.42
C TYR B 380 9.34 -8.39 20.60
N LEU B 381 9.20 -7.79 21.76
CA LEU B 381 8.81 -8.54 22.95
C LEU B 381 7.37 -9.03 22.95
N PHE B 382 6.46 -8.24 22.38
CA PHE B 382 5.05 -8.61 22.41
C PHE B 382 4.37 -8.80 21.08
N SER B 383 5.11 -8.66 19.98
CA SER B 383 4.56 -8.84 18.64
C SER B 383 3.09 -8.45 18.60
N PRO B 384 2.81 -7.15 18.76
CA PRO B 384 1.48 -6.58 18.78
C PRO B 384 0.65 -6.53 17.51
N SER B 385 1.25 -6.54 16.32
CA SER B 385 0.41 -6.42 15.14
C SER B 385 0.16 -7.62 14.25
N LYS B 386 -1.04 -7.66 13.67
CA LYS B 386 -1.44 -8.72 12.75
C LYS B 386 -1.17 -8.18 11.35
N SER B 387 -1.43 -6.89 11.15
CA SER B 387 -1.21 -6.23 9.88
C SER B 387 -1.12 -4.72 10.08
N PHE B 388 -0.52 -4.03 9.13
CA PHE B 388 -0.37 -2.59 9.23
C PHE B 388 -0.32 -1.94 7.86
N SER B 389 -1.16 -0.94 7.65
CA SER B 389 -1.21 -0.26 6.38
C SER B 389 -1.22 1.25 6.47
N LEU B 390 -0.27 1.85 5.75
CA LEU B 390 -0.13 3.29 5.67
C LEU B 390 -0.55 3.62 4.23
N PHE B 391 -1.40 4.61 4.05
CA PHE B 391 -1.84 4.96 2.70
C PHE B 391 -2.32 6.39 2.61
N PRO B 392 -1.41 7.33 2.86
CA PRO B 392 -1.69 8.76 2.83
C PRO B 392 -2.19 9.25 1.48
N LYS B 393 -2.87 10.40 1.52
CA LYS B 393 -3.38 11.06 0.33
C LYS B 393 -3.56 12.54 0.68
N MET B 394 -2.80 13.38 0.00
CA MET B 394 -2.83 14.82 0.22
C MET B 394 -3.49 15.53 -0.97
N VAL B 395 -3.96 16.76 -0.74
CA VAL B 395 -4.59 17.52 -1.80
C VAL B 395 -4.29 19.01 -1.70
N GLY B 396 -4.16 19.65 -2.85
CA GLY B 396 -3.88 21.07 -2.88
C GLY B 396 -4.74 21.71 -3.96
N TYR B 397 -5.09 22.98 -3.75
CA TYR B 397 -5.90 23.72 -4.72
C TYR B 397 -5.06 24.86 -5.31
N SER B 398 -5.37 25.25 -6.54
CA SER B 398 -4.62 26.30 -7.21
C SER B 398 -5.50 27.42 -7.75
N LYS B 399 -5.05 28.67 -7.62
CA LYS B 399 -5.81 29.82 -8.11
C LYS B 399 -5.93 29.77 -9.63
N ARG B 400 -4.84 29.40 -10.29
CA ARG B 400 -4.85 29.35 -11.76
C ARG B 400 -4.73 27.93 -12.30
N ALA B 401 -5.19 27.74 -13.54
CA ALA B 401 -5.11 26.43 -14.18
C ALA B 401 -3.69 26.25 -14.68
N ARG B 402 -3.30 25.01 -14.94
CA ARG B 402 -1.96 24.70 -15.37
C ARG B 402 -1.44 25.36 -16.64
N GLU B 403 -2.27 25.47 -17.67
CA GLU B 403 -1.82 26.06 -18.93
C GLU B 403 -1.11 27.40 -18.77
N ASP B 404 -1.82 28.39 -18.23
CA ASP B 404 -1.21 29.69 -18.06
C ASP B 404 -0.03 29.64 -17.08
N ALA B 405 -0.16 28.82 -16.04
CA ALA B 405 0.90 28.67 -15.05
C ALA B 405 2.18 28.24 -15.74
N SER B 406 2.07 27.26 -16.62
CA SER B 406 3.23 26.75 -17.35
C SER B 406 3.76 27.75 -18.37
N ALA B 407 2.85 28.32 -19.15
CA ALA B 407 3.19 29.31 -20.17
C ALA B 407 4.08 30.39 -19.58
N SER B 408 3.82 30.72 -18.32
CA SER B 408 4.60 31.72 -17.61
C SER B 408 5.94 31.13 -17.17
N PHE B 409 5.87 30.00 -16.47
CA PHE B 409 7.07 29.31 -16.01
C PHE B 409 8.09 29.34 -17.16
N ALA B 410 7.63 28.93 -18.34
CA ALA B 410 8.45 28.89 -19.54
C ALA B 410 8.94 30.27 -20.00
N ASN B 411 8.01 31.22 -20.09
CA ASN B 411 8.29 32.59 -20.53
C ASN B 411 9.52 33.28 -19.89
N SER B 412 9.94 32.81 -18.72
CA SER B 412 11.09 33.39 -18.04
C SER B 412 12.39 33.23 -18.82
N ASP B 413 12.41 32.29 -19.77
CA ASP B 413 13.62 32.04 -20.54
C ASP B 413 13.65 32.78 -21.85
N ALA B 414 12.66 33.65 -22.08
CA ALA B 414 12.60 34.44 -23.30
C ALA B 414 13.63 35.56 -23.18
N LYS B 415 14.32 35.88 -24.27
CA LYS B 415 15.31 36.94 -24.25
C LYS B 415 14.67 38.25 -24.68
N LYS B 416 15.09 39.33 -24.05
CA LYS B 416 14.56 40.65 -24.35
C LYS B 416 15.08 41.20 -25.68
N PHE B 417 14.17 41.59 -26.57
CA PHE B 417 14.57 42.16 -27.85
C PHE B 417 15.39 43.38 -27.43
N TYR B 418 16.69 43.37 -27.73
CA TYR B 418 17.58 44.46 -27.34
C TYR B 418 17.47 45.81 -28.06
N ALA B 419 18.50 46.13 -28.85
CA ALA B 419 18.56 47.39 -29.60
C ALA B 419 17.36 47.53 -30.56
#